data_102D
# 
_entry.id   102D 
# 
_audit_conform.dict_name       mmcif_pdbx.dic 
_audit_conform.dict_version    5.385 
_audit_conform.dict_location   http://mmcif.pdb.org/dictionaries/ascii/mmcif_pdbx.dic 
# 
loop_
_database_2.database_id 
_database_2.database_code 
_database_2.pdbx_database_accession 
_database_2.pdbx_DOI 
PDB   102D         pdb_0000102d 10.2210/pdb102d/pdb 
RCSB  GDL032       ?            ?                   
WWPDB D_1000170004 ?            ?                   
# 
loop_
_pdbx_audit_revision_history.ordinal 
_pdbx_audit_revision_history.data_content_type 
_pdbx_audit_revision_history.major_revision 
_pdbx_audit_revision_history.minor_revision 
_pdbx_audit_revision_history.revision_date 
1 'Structure model' 1 0 1995-02-07 
2 'Structure model' 1 1 2008-05-22 
3 'Structure model' 1 2 2011-07-13 
4 'Structure model' 1 3 2024-02-07 
# 
_pdbx_audit_revision_details.ordinal             1 
_pdbx_audit_revision_details.revision_ordinal    1 
_pdbx_audit_revision_details.data_content_type   'Structure model' 
_pdbx_audit_revision_details.provider            repository 
_pdbx_audit_revision_details.type                'Initial release' 
_pdbx_audit_revision_details.description         ? 
_pdbx_audit_revision_details.details             ? 
# 
loop_
_pdbx_audit_revision_group.ordinal 
_pdbx_audit_revision_group.revision_ordinal 
_pdbx_audit_revision_group.data_content_type 
_pdbx_audit_revision_group.group 
1 2 'Structure model' 'Version format compliance' 
2 3 'Structure model' 'Version format compliance' 
3 4 'Structure model' 'Data collection'           
4 4 'Structure model' 'Database references'       
5 4 'Structure model' 'Derived calculations'      
# 
loop_
_pdbx_audit_revision_category.ordinal 
_pdbx_audit_revision_category.revision_ordinal 
_pdbx_audit_revision_category.data_content_type 
_pdbx_audit_revision_category.category 
1 4 'Structure model' chem_comp_atom 
2 4 'Structure model' chem_comp_bond 
3 4 'Structure model' database_2     
4 4 'Structure model' struct_site    
# 
loop_
_pdbx_audit_revision_item.ordinal 
_pdbx_audit_revision_item.revision_ordinal 
_pdbx_audit_revision_item.data_content_type 
_pdbx_audit_revision_item.item 
1 4 'Structure model' '_database_2.pdbx_DOI'                
2 4 'Structure model' '_database_2.pdbx_database_accession' 
3 4 'Structure model' '_struct_site.pdbx_auth_asym_id'      
4 4 'Structure model' '_struct_site.pdbx_auth_comp_id'      
5 4 'Structure model' '_struct_site.pdbx_auth_seq_id'       
# 
_pdbx_database_status.status_code                     REL 
_pdbx_database_status.entry_id                        102D 
_pdbx_database_status.recvd_initial_deposition_date   1994-12-15 
_pdbx_database_status.deposit_site                    BNL 
_pdbx_database_status.process_site                    NDB 
_pdbx_database_status.status_code_sf                  REL 
_pdbx_database_status.status_code_mr                  ? 
_pdbx_database_status.SG_entry                        ? 
_pdbx_database_status.pdb_format_compatible           Y 
_pdbx_database_status.status_code_cs                  ? 
_pdbx_database_status.status_code_nmr_data            ? 
_pdbx_database_status.methods_development_category    ? 
# 
loop_
_audit_author.name 
_audit_author.pdbx_ordinal 
'Nunn, C.M.' 1 
'Neidle, S.' 2 
# 
_citation.id                        primary 
_citation.title                     
;Sequence-dependent drug binding to the minor groove of DNA: crystal structure of the DNA dodecamer d(CGCAAATTTGCG)2 complexed with propamidine.
;
_citation.journal_abbrev            J.Med.Chem. 
_citation.journal_volume            38 
_citation.page_first                2317 
_citation.page_last                 2325 
_citation.year                      1995 
_citation.journal_id_ASTM           JMCMAR 
_citation.country                   US 
_citation.journal_id_ISSN           0022-2623 
_citation.journal_id_CSD            0151 
_citation.book_publisher            ? 
_citation.pdbx_database_id_PubMed   7608897 
_citation.pdbx_database_id_DOI      10.1021/jm00013a008 
# 
loop_
_citation_author.citation_id 
_citation_author.name 
_citation_author.ordinal 
_citation_author.identifier_ORCID 
primary 'Nunn, C.M.' 1 ? 
primary 'Neidle, S.' 2 ? 
# 
loop_
_entity.id 
_entity.type 
_entity.src_method 
_entity.pdbx_description 
_entity.formula_weight 
_entity.pdbx_number_of_molecules 
_entity.pdbx_ec 
_entity.pdbx_mutation 
_entity.pdbx_fragment 
_entity.details 
1 polymer     syn 
;DNA (5'-D(*CP*GP*CP*AP*AP*AP*TP*TP*TP*GP*CP*G)-3')
;
3662.404 2  ? ? ? ? 
2 non-polymer syn '1,3-BIS(AMIDINOPHENOXY)PROPANE'                     312.366  1  ? ? ? ? 
3 water       nat water                                                18.015   73 ? ? ? ? 
# 
_entity_poly.entity_id                      1 
_entity_poly.type                           polydeoxyribonucleotide 
_entity_poly.nstd_linkage                   no 
_entity_poly.nstd_monomer                   no 
_entity_poly.pdbx_seq_one_letter_code       '(DC)(DG)(DC)(DA)(DA)(DA)(DT)(DT)(DT)(DG)(DC)(DG)' 
_entity_poly.pdbx_seq_one_letter_code_can   CGCAAATTTGCG 
_entity_poly.pdbx_strand_id                 A,B 
_entity_poly.pdbx_target_identifier         ? 
# 
loop_
_pdbx_entity_nonpoly.entity_id 
_pdbx_entity_nonpoly.name 
_pdbx_entity_nonpoly.comp_id 
2 '1,3-BIS(AMIDINOPHENOXY)PROPANE' TNT 
3 water                            HOH 
# 
loop_
_entity_poly_seq.entity_id 
_entity_poly_seq.num 
_entity_poly_seq.mon_id 
_entity_poly_seq.hetero 
1 1  DC n 
1 2  DG n 
1 3  DC n 
1 4  DA n 
1 5  DA n 
1 6  DA n 
1 7  DT n 
1 8  DT n 
1 9  DT n 
1 10 DG n 
1 11 DC n 
1 12 DG n 
# 
loop_
_chem_comp.id 
_chem_comp.type 
_chem_comp.mon_nstd_flag 
_chem_comp.name 
_chem_comp.pdbx_synonyms 
_chem_comp.formula 
_chem_comp.formula_weight 
DA  'DNA linking' y "2'-DEOXYADENOSINE-5'-MONOPHOSPHATE" ? 'C10 H14 N5 O6 P' 331.222 
DC  'DNA linking' y "2'-DEOXYCYTIDINE-5'-MONOPHOSPHATE"  ? 'C9 H14 N3 O7 P'  307.197 
DG  'DNA linking' y "2'-DEOXYGUANOSINE-5'-MONOPHOSPHATE" ? 'C10 H14 N5 O7 P' 347.221 
DT  'DNA linking' y "THYMIDINE-5'-MONOPHOSPHATE"         ? 'C10 H15 N2 O8 P' 322.208 
HOH non-polymer   . WATER                                ? 'H2 O'            18.015  
TNT non-polymer   . '1,3-BIS(AMIDINOPHENOXY)PROPANE'     ? 'C17 H20 N4 O2'   312.366 
# 
loop_
_pdbx_poly_seq_scheme.asym_id 
_pdbx_poly_seq_scheme.entity_id 
_pdbx_poly_seq_scheme.seq_id 
_pdbx_poly_seq_scheme.mon_id 
_pdbx_poly_seq_scheme.ndb_seq_num 
_pdbx_poly_seq_scheme.pdb_seq_num 
_pdbx_poly_seq_scheme.auth_seq_num 
_pdbx_poly_seq_scheme.pdb_mon_id 
_pdbx_poly_seq_scheme.auth_mon_id 
_pdbx_poly_seq_scheme.pdb_strand_id 
_pdbx_poly_seq_scheme.pdb_ins_code 
_pdbx_poly_seq_scheme.hetero 
A 1 1  DC 1  1  1  DC C A . n 
A 1 2  DG 2  2  2  DG G A . n 
A 1 3  DC 3  3  3  DC C A . n 
A 1 4  DA 4  4  4  DA A A . n 
A 1 5  DA 5  5  5  DA A A . n 
A 1 6  DA 6  6  6  DA A A . n 
A 1 7  DT 7  7  7  DT T A . n 
A 1 8  DT 8  8  8  DT T A . n 
A 1 9  DT 9  9  9  DT T A . n 
A 1 10 DG 10 10 10 DG G A . n 
A 1 11 DC 11 11 11 DC C A . n 
A 1 12 DG 12 12 12 DG G A . n 
B 1 1  DC 1  13 13 DC C B . n 
B 1 2  DG 2  14 14 DG G B . n 
B 1 3  DC 3  15 15 DC C B . n 
B 1 4  DA 4  16 16 DA A B . n 
B 1 5  DA 5  17 17 DA A B . n 
B 1 6  DA 6  18 18 DA A B . n 
B 1 7  DT 7  19 19 DT T B . n 
B 1 8  DT 8  20 20 DT T B . n 
B 1 9  DT 9  21 21 DT T B . n 
B 1 10 DG 10 22 22 DG G B . n 
B 1 11 DC 11 23 23 DC C B . n 
B 1 12 DG 12 24 24 DG G B . n 
# 
loop_
_pdbx_nonpoly_scheme.asym_id 
_pdbx_nonpoly_scheme.entity_id 
_pdbx_nonpoly_scheme.mon_id 
_pdbx_nonpoly_scheme.ndb_seq_num 
_pdbx_nonpoly_scheme.pdb_seq_num 
_pdbx_nonpoly_scheme.auth_seq_num 
_pdbx_nonpoly_scheme.pdb_mon_id 
_pdbx_nonpoly_scheme.auth_mon_id 
_pdbx_nonpoly_scheme.pdb_strand_id 
_pdbx_nonpoly_scheme.pdb_ins_code 
C 2 TNT 1  25 25 TNT TNT B . 
D 3 HOH 1  26 26 HOH HOH A . 
D 3 HOH 2  27 27 HOH HOH A . 
D 3 HOH 3  29 29 HOH HOH A . 
D 3 HOH 4  31 31 HOH HOH A . 
D 3 HOH 5  34 34 HOH HOH A . 
D 3 HOH 6  35 35 HOH HOH A . 
D 3 HOH 7  37 37 HOH HOH A . 
D 3 HOH 8  38 38 HOH HOH A . 
D 3 HOH 9  40 40 HOH HOH A . 
D 3 HOH 10 41 41 HOH HOH A . 
D 3 HOH 11 42 42 HOH HOH A . 
D 3 HOH 12 44 44 HOH HOH A . 
D 3 HOH 13 45 45 HOH HOH A . 
D 3 HOH 14 47 47 HOH HOH A . 
D 3 HOH 15 50 50 HOH HOH A . 
D 3 HOH 16 52 52 HOH HOH A . 
D 3 HOH 17 53 53 HOH HOH A . 
D 3 HOH 18 54 54 HOH HOH A . 
D 3 HOH 19 59 59 HOH HOH A . 
D 3 HOH 20 63 63 HOH HOH A . 
D 3 HOH 21 64 64 HOH HOH A . 
D 3 HOH 22 65 65 HOH HOH A . 
D 3 HOH 23 67 67 HOH HOH A . 
D 3 HOH 24 69 69 HOH HOH A . 
D 3 HOH 25 71 71 HOH HOH A . 
D 3 HOH 26 74 74 HOH HOH A . 
D 3 HOH 27 75 75 HOH HOH A . 
D 3 HOH 28 80 80 HOH HOH A . 
D 3 HOH 29 81 81 HOH HOH A . 
D 3 HOH 30 82 82 HOH HOH A . 
D 3 HOH 31 83 83 HOH HOH A . 
D 3 HOH 32 86 86 HOH HOH A . 
D 3 HOH 33 87 87 HOH HOH A . 
D 3 HOH 34 90 90 HOH HOH A . 
D 3 HOH 35 91 91 HOH HOH A . 
D 3 HOH 36 92 92 HOH HOH A . 
D 3 HOH 37 94 94 HOH HOH A . 
D 3 HOH 38 97 97 HOH HOH A . 
E 3 HOH 1  28 28 HOH HOH B . 
E 3 HOH 2  30 30 HOH HOH B . 
E 3 HOH 3  32 32 HOH HOH B . 
E 3 HOH 4  33 33 HOH HOH B . 
E 3 HOH 5  36 36 HOH HOH B . 
E 3 HOH 6  39 39 HOH HOH B . 
E 3 HOH 7  43 43 HOH HOH B . 
E 3 HOH 8  46 46 HOH HOH B . 
E 3 HOH 9  48 48 HOH HOH B . 
E 3 HOH 10 49 49 HOH HOH B . 
E 3 HOH 11 51 51 HOH HOH B . 
E 3 HOH 12 55 55 HOH HOH B . 
E 3 HOH 13 56 56 HOH HOH B . 
E 3 HOH 14 57 57 HOH HOH B . 
E 3 HOH 15 58 58 HOH HOH B . 
E 3 HOH 16 60 60 HOH HOH B . 
E 3 HOH 17 61 61 HOH HOH B . 
E 3 HOH 18 62 62 HOH HOH B . 
E 3 HOH 19 66 66 HOH HOH B . 
E 3 HOH 20 68 68 HOH HOH B . 
E 3 HOH 21 70 70 HOH HOH B . 
E 3 HOH 22 72 72 HOH HOH B . 
E 3 HOH 23 73 73 HOH HOH B . 
E 3 HOH 24 76 76 HOH HOH B . 
E 3 HOH 25 77 77 HOH HOH B . 
E 3 HOH 26 78 78 HOH HOH B . 
E 3 HOH 27 79 79 HOH HOH B . 
E 3 HOH 28 84 84 HOH HOH B . 
E 3 HOH 29 85 85 HOH HOH B . 
E 3 HOH 30 88 88 HOH HOH B . 
E 3 HOH 31 89 89 HOH HOH B . 
E 3 HOH 32 93 93 HOH HOH B . 
E 3 HOH 33 95 95 HOH HOH B . 
E 3 HOH 34 96 96 HOH HOH B . 
E 3 HOH 35 98 98 HOH HOH B . 
# 
loop_
_software.name 
_software.classification 
_software.version 
_software.citation_id 
_software.pdbx_ordinal 
X-PLOR refinement     . ? 1 
XENGEN 'data scaling' . ? 2 
# 
_cell.entry_id           102D 
_cell.length_a           24.780 
_cell.length_b           41.160 
_cell.length_c           65.510 
_cell.angle_alpha        90.00 
_cell.angle_beta         90.00 
_cell.angle_gamma        90.00 
_cell.Z_PDB              8 
_cell.pdbx_unique_axis   ? 
# 
_symmetry.entry_id                         102D 
_symmetry.space_group_name_H-M             'P 21 21 21' 
_symmetry.pdbx_full_space_group_name_H-M   ? 
_symmetry.cell_setting                     ? 
_symmetry.Int_Tables_number                19 
# 
_exptl.entry_id          102D 
_exptl.method            'X-RAY DIFFRACTION' 
_exptl.crystals_number   ? 
# 
_exptl_crystal.id                    1 
_exptl_crystal.density_meas          ? 
_exptl_crystal.density_Matthews      2.28 
_exptl_crystal.density_percent_sol   46.06 
_exptl_crystal.description           ? 
# 
_exptl_crystal_grow.crystal_id      1 
_exptl_crystal_grow.method          'VAPOR DIFFUSION, SITTING DROP' 
_exptl_crystal_grow.temp            277.00 
_exptl_crystal_grow.temp_details    ? 
_exptl_crystal_grow.pH              7.00 
_exptl_crystal_grow.pdbx_details    'pH 7.00, VAPOR DIFFUSION, SITTING DROP, temperature 277.00K' 
_exptl_crystal_grow.pdbx_pH_range   ? 
# 
loop_
_exptl_crystal_grow_comp.crystal_id 
_exptl_crystal_grow_comp.id 
_exptl_crystal_grow_comp.sol_id 
_exptl_crystal_grow_comp.name 
_exptl_crystal_grow_comp.volume 
_exptl_crystal_grow_comp.conc 
_exptl_crystal_grow_comp.details 
1 1 1 WATER           ? ? ? 
1 2 1 MPD             ? ? ? 
1 3 1 MGCL2           ? ? ? 
1 4 1 'NA CACODYLATE' ? ? ? 
1 5 2 WATER           ? ? ? 
1 6 2 MPD             ? ? ? 
# 
_diffrn.id                     1 
_diffrn.ambient_temp           289.00 
_diffrn.ambient_temp_details   ? 
_diffrn.crystal_id             1 
# 
_diffrn_detector.diffrn_id              1 
_diffrn_detector.detector               'AREA DETECTOR' 
_diffrn_detector.type                   XENTRONICS 
_diffrn_detector.pdbx_collection_date   ? 
_diffrn_detector.details                ? 
# 
_diffrn_radiation.diffrn_id                        1 
_diffrn_radiation.wavelength_id                    1 
_diffrn_radiation.pdbx_monochromatic_or_laue_m_l   ? 
_diffrn_radiation.monochromator                    ? 
_diffrn_radiation.pdbx_diffrn_protocol             ? 
_diffrn_radiation.pdbx_scattering_type             x-ray 
# 
_diffrn_radiation_wavelength.id           1 
_diffrn_radiation_wavelength.wavelength   1.5418 
_diffrn_radiation_wavelength.wt           1.0 
# 
_diffrn_source.diffrn_id                   1 
_diffrn_source.source                      'ROTATING ANODE' 
_diffrn_source.type                        ? 
_diffrn_source.pdbx_synchrotron_site       ? 
_diffrn_source.pdbx_synchrotron_beamline   ? 
_diffrn_source.pdbx_wavelength             1.5418 
_diffrn_source.pdbx_wavelength_list        ? 
# 
_reflns.entry_id                     102D 
_reflns.observed_criterion_sigma_I   ? 
_reflns.observed_criterion_sigma_F   ? 
_reflns.d_resolution_low             ? 
_reflns.d_resolution_high            2.200 
_reflns.number_obs                   3410 
_reflns.number_all                   12110 
_reflns.percent_possible_obs         ? 
_reflns.pdbx_Rmerge_I_obs            0.0530000 
_reflns.pdbx_Rsym_value              ? 
_reflns.pdbx_netI_over_sigmaI        ? 
_reflns.B_iso_Wilson_estimate        ? 
_reflns.pdbx_redundancy              ? 
_reflns.pdbx_diffrn_id               1 
_reflns.pdbx_ordinal                 1 
# 
_refine.entry_id                                 102D 
_refine.ls_number_reflns_obs                     842 
_refine.ls_number_reflns_all                     ? 
_refine.pdbx_ls_sigma_I                          ? 
_refine.pdbx_ls_sigma_F                          2.000 
_refine.pdbx_data_cutoff_high_absF               ? 
_refine.pdbx_data_cutoff_low_absF                ? 
_refine.pdbx_data_cutoff_high_rms_absF           ? 
_refine.ls_d_res_low                             8.000 
_refine.ls_d_res_high                            2.200 
_refine.ls_percent_reflns_obs                    90.800 
_refine.ls_R_factor_obs                          0.1550000 
_refine.ls_R_factor_all                          ? 
_refine.ls_R_factor_R_work                       0.1550000 
_refine.ls_R_factor_R_free                       ? 
_refine.ls_R_factor_R_free_error                 ? 
_refine.ls_R_factor_R_free_error_details         ? 
_refine.ls_percent_reflns_R_free                 ? 
_refine.ls_number_reflns_R_free                  ? 
_refine.ls_number_parameters                     ? 
_refine.ls_number_restraints                     ? 
_refine.occupancy_min                            ? 
_refine.occupancy_max                            ? 
_refine.B_iso_mean                               ? 
_refine.aniso_B[1][1]                            ? 
_refine.aniso_B[2][2]                            ? 
_refine.aniso_B[3][3]                            ? 
_refine.aniso_B[1][2]                            ? 
_refine.aniso_B[1][3]                            ? 
_refine.aniso_B[2][3]                            ? 
_refine.solvent_model_details                    ? 
_refine.solvent_model_param_ksol                 ? 
_refine.solvent_model_param_bsol                 ? 
_refine.pdbx_ls_cross_valid_method               ? 
_refine.details                                  ? 
_refine.pdbx_starting_model                      ? 
_refine.pdbx_method_to_determine_struct          ? 
_refine.pdbx_isotropic_thermal_model             ? 
_refine.pdbx_stereochemistry_target_values       ? 
_refine.pdbx_stereochem_target_val_spec_case     ? 
_refine.pdbx_R_Free_selection_details            ? 
_refine.pdbx_overall_ESU_R                       ? 
_refine.pdbx_overall_ESU_R_Free                  ? 
_refine.overall_SU_ML                            ? 
_refine.overall_SU_B                             ? 
_refine.pdbx_refine_id                           'X-RAY DIFFRACTION' 
_refine.pdbx_diffrn_id                           1 
_refine.pdbx_TLS_residual_ADP_flag               ? 
_refine.correlation_coeff_Fo_to_Fc               ? 
_refine.correlation_coeff_Fo_to_Fc_free          ? 
_refine.pdbx_solvent_vdw_probe_radii             ? 
_refine.pdbx_solvent_ion_probe_radii             ? 
_refine.pdbx_solvent_shrinkage_radii             ? 
_refine.pdbx_overall_phase_error                 ? 
_refine.overall_SU_R_Cruickshank_DPI             ? 
_refine.pdbx_overall_SU_R_free_Cruickshank_DPI   ? 
_refine.pdbx_overall_SU_R_Blow_DPI               ? 
_refine.pdbx_overall_SU_R_free_Blow_DPI          ? 
# 
_refine_hist.pdbx_refine_id                   'X-RAY DIFFRACTION' 
_refine_hist.cycle_id                         LAST 
_refine_hist.pdbx_number_atoms_protein        0 
_refine_hist.pdbx_number_atoms_nucleic_acid   486 
_refine_hist.pdbx_number_atoms_ligand         23 
_refine_hist.number_atoms_solvent             73 
_refine_hist.number_atoms_total               582 
_refine_hist.d_res_high                       2.200 
_refine_hist.d_res_low                        8.000 
# 
loop_
_refine_ls_restr.type 
_refine_ls_restr.dev_ideal 
_refine_ls_restr.dev_ideal_target 
_refine_ls_restr.weight 
_refine_ls_restr.number 
_refine_ls_restr.pdbx_refine_id 
_refine_ls_restr.pdbx_restraint_function 
x_bond_d                0.022 ? ? ? 'X-RAY DIFFRACTION' ? 
x_bond_d_na             ?     ? ? ? 'X-RAY DIFFRACTION' ? 
x_bond_d_prot           ?     ? ? ? 'X-RAY DIFFRACTION' ? 
x_angle_d               ?     ? ? ? 'X-RAY DIFFRACTION' ? 
x_angle_d_na            ?     ? ? ? 'X-RAY DIFFRACTION' ? 
x_angle_d_prot          ?     ? ? ? 'X-RAY DIFFRACTION' ? 
x_angle_deg             4.00  ? ? ? 'X-RAY DIFFRACTION' ? 
x_angle_deg_na          ?     ? ? ? 'X-RAY DIFFRACTION' ? 
x_angle_deg_prot        ?     ? ? ? 'X-RAY DIFFRACTION' ? 
x_dihedral_angle_d      ?     ? ? ? 'X-RAY DIFFRACTION' ? 
x_dihedral_angle_d_na   ?     ? ? ? 'X-RAY DIFFRACTION' ? 
x_dihedral_angle_d_prot ?     ? ? ? 'X-RAY DIFFRACTION' ? 
x_improper_angle_d      ?     ? ? ? 'X-RAY DIFFRACTION' ? 
x_improper_angle_d_na   ?     ? ? ? 'X-RAY DIFFRACTION' ? 
x_improper_angle_d_prot ?     ? ? ? 'X-RAY DIFFRACTION' ? 
x_mcbond_it             ?     ? ? ? 'X-RAY DIFFRACTION' ? 
x_mcangle_it            ?     ? ? ? 'X-RAY DIFFRACTION' ? 
x_scbond_it             ?     ? ? ? 'X-RAY DIFFRACTION' ? 
x_scangle_it            ?     ? ? ? 'X-RAY DIFFRACTION' ? 
# 
_struct.entry_id                  102D 
_struct.title                     
;SEQUENCE-DEPENDENT DRUG BINDING TO THE MINOR GROOVE OF DNA: THE CRYSTAL STRUCTURE OF THE DNA DODECAMER D(CGCAAATTTGCG)2 COMPLEXED WITH PROPAMIDINE
;
_struct.pdbx_model_details        ? 
_struct.pdbx_CASP_flag            ? 
_struct.pdbx_model_type_details   ? 
# 
_struct_keywords.entry_id        102D 
_struct_keywords.pdbx_keywords   DNA 
_struct_keywords.text            'B-DNA, DOUBLE HELIX, COMPLEXED WITH DRUG, DNA' 
# 
loop_
_struct_asym.id 
_struct_asym.pdbx_blank_PDB_chainid_flag 
_struct_asym.pdbx_modified 
_struct_asym.entity_id 
_struct_asym.details 
A N N 1 ? 
B N N 1 ? 
C N N 2 ? 
D N N 3 ? 
E N N 3 ? 
# 
_struct_ref.id                         1 
_struct_ref.entity_id                  1 
_struct_ref.db_name                    PDB 
_struct_ref.db_code                    102D 
_struct_ref.pdbx_db_accession          102D 
_struct_ref.pdbx_db_isoform            ? 
_struct_ref.pdbx_seq_one_letter_code   ? 
_struct_ref.pdbx_align_begin           ? 
# 
loop_
_struct_ref_seq.align_id 
_struct_ref_seq.ref_id 
_struct_ref_seq.pdbx_PDB_id_code 
_struct_ref_seq.pdbx_strand_id 
_struct_ref_seq.seq_align_beg 
_struct_ref_seq.pdbx_seq_align_beg_ins_code 
_struct_ref_seq.seq_align_end 
_struct_ref_seq.pdbx_seq_align_end_ins_code 
_struct_ref_seq.pdbx_db_accession 
_struct_ref_seq.db_align_beg 
_struct_ref_seq.pdbx_db_align_beg_ins_code 
_struct_ref_seq.db_align_end 
_struct_ref_seq.pdbx_db_align_end_ins_code 
_struct_ref_seq.pdbx_auth_seq_align_beg 
_struct_ref_seq.pdbx_auth_seq_align_end 
1 1 102D A 1 ? 12 ? 102D 1  ? 12 ? 1  12 
2 1 102D B 1 ? 12 ? 102D 13 ? 24 ? 13 24 
# 
_pdbx_struct_assembly.id                   1 
_pdbx_struct_assembly.details              author_defined_assembly 
_pdbx_struct_assembly.method_details       ? 
_pdbx_struct_assembly.oligomeric_details   dimeric 
_pdbx_struct_assembly.oligomeric_count     2 
# 
_pdbx_struct_assembly_gen.assembly_id       1 
_pdbx_struct_assembly_gen.oper_expression   1 
_pdbx_struct_assembly_gen.asym_id_list      A,B,C,D,E 
# 
_pdbx_struct_oper_list.id                   1 
_pdbx_struct_oper_list.type                 'identity operation' 
_pdbx_struct_oper_list.name                 1_555 
_pdbx_struct_oper_list.symmetry_operation   x,y,z 
_pdbx_struct_oper_list.matrix[1][1]         1.0000000000 
_pdbx_struct_oper_list.matrix[1][2]         0.0000000000 
_pdbx_struct_oper_list.matrix[1][3]         0.0000000000 
_pdbx_struct_oper_list.vector[1]            0.0000000000 
_pdbx_struct_oper_list.matrix[2][1]         0.0000000000 
_pdbx_struct_oper_list.matrix[2][2]         1.0000000000 
_pdbx_struct_oper_list.matrix[2][3]         0.0000000000 
_pdbx_struct_oper_list.vector[2]            0.0000000000 
_pdbx_struct_oper_list.matrix[3][1]         0.0000000000 
_pdbx_struct_oper_list.matrix[3][2]         0.0000000000 
_pdbx_struct_oper_list.matrix[3][3]         1.0000000000 
_pdbx_struct_oper_list.vector[3]            0.0000000000 
# 
_struct_biol.id   1 
# 
loop_
_struct_conn.id 
_struct_conn.conn_type_id 
_struct_conn.pdbx_leaving_atom_flag 
_struct_conn.pdbx_PDB_id 
_struct_conn.ptnr1_label_asym_id 
_struct_conn.ptnr1_label_comp_id 
_struct_conn.ptnr1_label_seq_id 
_struct_conn.ptnr1_label_atom_id 
_struct_conn.pdbx_ptnr1_label_alt_id 
_struct_conn.pdbx_ptnr1_PDB_ins_code 
_struct_conn.pdbx_ptnr1_standard_comp_id 
_struct_conn.ptnr1_symmetry 
_struct_conn.ptnr2_label_asym_id 
_struct_conn.ptnr2_label_comp_id 
_struct_conn.ptnr2_label_seq_id 
_struct_conn.ptnr2_label_atom_id 
_struct_conn.pdbx_ptnr2_label_alt_id 
_struct_conn.pdbx_ptnr2_PDB_ins_code 
_struct_conn.ptnr1_auth_asym_id 
_struct_conn.ptnr1_auth_comp_id 
_struct_conn.ptnr1_auth_seq_id 
_struct_conn.ptnr2_auth_asym_id 
_struct_conn.ptnr2_auth_comp_id 
_struct_conn.ptnr2_auth_seq_id 
_struct_conn.ptnr2_symmetry 
_struct_conn.pdbx_ptnr3_label_atom_id 
_struct_conn.pdbx_ptnr3_label_seq_id 
_struct_conn.pdbx_ptnr3_label_comp_id 
_struct_conn.pdbx_ptnr3_label_asym_id 
_struct_conn.pdbx_ptnr3_label_alt_id 
_struct_conn.pdbx_ptnr3_PDB_ins_code 
_struct_conn.details 
_struct_conn.pdbx_dist_value 
_struct_conn.pdbx_value_order 
_struct_conn.pdbx_role 
hydrog1  hydrog ? ? A DC 1  N3 ? ? ? 1_555 B DG 12 N1 ? ? A DC 1  B DG 24 1_555 ? ? ? ? ? ? WATSON-CRICK ? ? ? 
hydrog2  hydrog ? ? A DC 1  N4 ? ? ? 1_555 B DG 12 O6 ? ? A DC 1  B DG 24 1_555 ? ? ? ? ? ? WATSON-CRICK ? ? ? 
hydrog3  hydrog ? ? A DC 1  O2 ? ? ? 1_555 B DG 12 N2 ? ? A DC 1  B DG 24 1_555 ? ? ? ? ? ? WATSON-CRICK ? ? ? 
hydrog4  hydrog ? ? A DG 2  N1 ? ? ? 1_555 B DC 11 N3 ? ? A DG 2  B DC 23 1_555 ? ? ? ? ? ? WATSON-CRICK ? ? ? 
hydrog5  hydrog ? ? A DG 2  N2 ? ? ? 1_555 B DC 11 O2 ? ? A DG 2  B DC 23 1_555 ? ? ? ? ? ? WATSON-CRICK ? ? ? 
hydrog6  hydrog ? ? A DG 2  O6 ? ? ? 1_555 B DC 11 N4 ? ? A DG 2  B DC 23 1_555 ? ? ? ? ? ? WATSON-CRICK ? ? ? 
hydrog7  hydrog ? ? A DC 3  N3 ? ? ? 1_555 B DG 10 N1 ? ? A DC 3  B DG 22 1_555 ? ? ? ? ? ? WATSON-CRICK ? ? ? 
hydrog8  hydrog ? ? A DC 3  N4 ? ? ? 1_555 B DG 10 O6 ? ? A DC 3  B DG 22 1_555 ? ? ? ? ? ? WATSON-CRICK ? ? ? 
hydrog9  hydrog ? ? A DC 3  O2 ? ? ? 1_555 B DG 10 N2 ? ? A DC 3  B DG 22 1_555 ? ? ? ? ? ? WATSON-CRICK ? ? ? 
hydrog10 hydrog ? ? A DA 4  N1 ? ? ? 1_555 B DT 9  N3 ? ? A DA 4  B DT 21 1_555 ? ? ? ? ? ? WATSON-CRICK ? ? ? 
hydrog11 hydrog ? ? A DA 4  N6 ? ? ? 1_555 B DT 9  O4 ? ? A DA 4  B DT 21 1_555 ? ? ? ? ? ? WATSON-CRICK ? ? ? 
hydrog12 hydrog ? ? A DA 5  N1 ? ? ? 1_555 B DT 8  N3 ? ? A DA 5  B DT 20 1_555 ? ? ? ? ? ? WATSON-CRICK ? ? ? 
hydrog13 hydrog ? ? A DA 5  N6 ? ? ? 1_555 B DT 8  O4 ? ? A DA 5  B DT 20 1_555 ? ? ? ? ? ? WATSON-CRICK ? ? ? 
hydrog14 hydrog ? ? A DA 6  N1 ? ? ? 1_555 B DT 7  N3 ? ? A DA 6  B DT 19 1_555 ? ? ? ? ? ? WATSON-CRICK ? ? ? 
hydrog15 hydrog ? ? A DA 6  N6 ? ? ? 1_555 B DT 7  O4 ? ? A DA 6  B DT 19 1_555 ? ? ? ? ? ? WATSON-CRICK ? ? ? 
hydrog16 hydrog ? ? A DT 7  N3 ? ? ? 1_555 B DA 6  N1 ? ? A DT 7  B DA 18 1_555 ? ? ? ? ? ? WATSON-CRICK ? ? ? 
hydrog17 hydrog ? ? A DT 7  O4 ? ? ? 1_555 B DA 6  N6 ? ? A DT 7  B DA 18 1_555 ? ? ? ? ? ? WATSON-CRICK ? ? ? 
hydrog18 hydrog ? ? A DT 8  N3 ? ? ? 1_555 B DA 5  N1 ? ? A DT 8  B DA 17 1_555 ? ? ? ? ? ? WATSON-CRICK ? ? ? 
hydrog19 hydrog ? ? A DT 8  O4 ? ? ? 1_555 B DA 5  N6 ? ? A DT 8  B DA 17 1_555 ? ? ? ? ? ? WATSON-CRICK ? ? ? 
hydrog20 hydrog ? ? A DT 9  N3 ? ? ? 1_555 B DA 4  N1 ? ? A DT 9  B DA 16 1_555 ? ? ? ? ? ? WATSON-CRICK ? ? ? 
hydrog21 hydrog ? ? A DT 9  O4 ? ? ? 1_555 B DA 4  N6 ? ? A DT 9  B DA 16 1_555 ? ? ? ? ? ? WATSON-CRICK ? ? ? 
hydrog22 hydrog ? ? A DG 10 N1 ? ? ? 1_555 B DC 3  N3 ? ? A DG 10 B DC 15 1_555 ? ? ? ? ? ? WATSON-CRICK ? ? ? 
hydrog23 hydrog ? ? A DG 10 N2 ? ? ? 1_555 B DC 3  O2 ? ? A DG 10 B DC 15 1_555 ? ? ? ? ? ? WATSON-CRICK ? ? ? 
hydrog24 hydrog ? ? A DG 10 O6 ? ? ? 1_555 B DC 3  N4 ? ? A DG 10 B DC 15 1_555 ? ? ? ? ? ? WATSON-CRICK ? ? ? 
hydrog25 hydrog ? ? A DC 11 N3 ? ? ? 1_555 B DG 2  N1 ? ? A DC 11 B DG 14 1_555 ? ? ? ? ? ? WATSON-CRICK ? ? ? 
hydrog26 hydrog ? ? A DC 11 N4 ? ? ? 1_555 B DG 2  O6 ? ? A DC 11 B DG 14 1_555 ? ? ? ? ? ? WATSON-CRICK ? ? ? 
hydrog27 hydrog ? ? A DC 11 O2 ? ? ? 1_555 B DG 2  N2 ? ? A DC 11 B DG 14 1_555 ? ? ? ? ? ? WATSON-CRICK ? ? ? 
hydrog28 hydrog ? ? A DG 12 N1 ? ? ? 1_555 B DC 1  N3 ? ? A DG 12 B DC 13 1_555 ? ? ? ? ? ? WATSON-CRICK ? ? ? 
hydrog29 hydrog ? ? A DG 12 N2 ? ? ? 1_555 B DC 1  O2 ? ? A DG 12 B DC 13 1_555 ? ? ? ? ? ? WATSON-CRICK ? ? ? 
hydrog30 hydrog ? ? A DG 12 O6 ? ? ? 1_555 B DC 1  N4 ? ? A DG 12 B DC 13 1_555 ? ? ? ? ? ? WATSON-CRICK ? ? ? 
# 
_struct_conn_type.id          hydrog 
_struct_conn_type.criteria    ? 
_struct_conn_type.reference   ? 
# 
loop_
_struct_site.id 
_struct_site.pdbx_evidence_code 
_struct_site.pdbx_auth_asym_id 
_struct_site.pdbx_auth_comp_id 
_struct_site.pdbx_auth_seq_id 
_struct_site.pdbx_auth_ins_code 
_struct_site.pdbx_num_residues 
_struct_site.details 
AC1 Software B TNT 25 ? 11 'BINDING SITE FOR RESIDUE TNT B 25' 
1   ?        ? ?   ?  ? ?  ?                                   
# 
loop_
_struct_site_gen.id 
_struct_site_gen.site_id 
_struct_site_gen.pdbx_num_res 
_struct_site_gen.label_comp_id 
_struct_site_gen.label_asym_id 
_struct_site_gen.label_seq_id 
_struct_site_gen.pdbx_auth_ins_code 
_struct_site_gen.auth_comp_id 
_struct_site_gen.auth_asym_id 
_struct_site_gen.auth_seq_id 
_struct_site_gen.label_atom_id 
_struct_site_gen.label_alt_id 
_struct_site_gen.symmetry 
_struct_site_gen.details 
1  AC1 11 DA  A 6  ? DA  A 6  . ? 1_555 ? 
2  AC1 11 DT  A 7  ? DT  A 7  . ? 1_555 ? 
3  AC1 11 DT  A 8  ? DT  A 8  . ? 1_555 ? 
4  AC1 11 DT  A 9  ? DT  A 9  . ? 1_555 ? 
5  AC1 11 DG  A 10 ? DG  A 10 . ? 1_555 ? 
6  AC1 11 DA  B 6  ? DA  B 18 . ? 1_555 ? 
7  AC1 11 DT  B 7  ? DT  B 19 . ? 1_555 ? 
8  AC1 11 DT  B 8  ? DT  B 20 . ? 1_555 ? 
9  AC1 11 DT  B 9  ? DT  B 21 . ? 1_555 ? 
10 AC1 11 HOH E .  ? HOH B 32 . ? 1_555 ? 
11 AC1 11 HOH E .  ? HOH B 36 . ? 1_555 ? 
# 
loop_
_pdbx_validate_rmsd_bond.id 
_pdbx_validate_rmsd_bond.PDB_model_num 
_pdbx_validate_rmsd_bond.auth_atom_id_1 
_pdbx_validate_rmsd_bond.auth_asym_id_1 
_pdbx_validate_rmsd_bond.auth_comp_id_1 
_pdbx_validate_rmsd_bond.auth_seq_id_1 
_pdbx_validate_rmsd_bond.PDB_ins_code_1 
_pdbx_validate_rmsd_bond.label_alt_id_1 
_pdbx_validate_rmsd_bond.auth_atom_id_2 
_pdbx_validate_rmsd_bond.auth_asym_id_2 
_pdbx_validate_rmsd_bond.auth_comp_id_2 
_pdbx_validate_rmsd_bond.auth_seq_id_2 
_pdbx_validate_rmsd_bond.PDB_ins_code_2 
_pdbx_validate_rmsd_bond.label_alt_id_2 
_pdbx_validate_rmsd_bond.bond_value 
_pdbx_validate_rmsd_bond.bond_target_value 
_pdbx_validate_rmsd_bond.bond_deviation 
_pdbx_validate_rmsd_bond.bond_standard_deviation 
_pdbx_validate_rmsd_bond.linker_flag 
1 1 "O3'" A DT 7  ? ? "C3'" A DT 7  ? ? 1.383 1.419 -0.036 0.006 N 
2 1 C5    A DT 7  ? ? C7    A DT 7  ? ? 1.544 1.496 0.048  0.006 N 
3 1 "O3'" B DC 13 ? ? "C3'" B DC 13 ? ? 1.374 1.419 -0.045 0.006 N 
4 1 "C3'" B DG 14 ? ? "C2'" B DG 14 ? ? 1.468 1.516 -0.048 0.008 N 
5 1 "C4'" B DA 17 ? ? "C3'" B DA 17 ? ? 1.437 1.521 -0.084 0.010 N 
6 1 N9    B DA 17 ? ? C4    B DA 17 ? ? 1.338 1.374 -0.036 0.006 N 
7 1 "C5'" B DG 22 ? ? "C4'" B DG 22 ? ? 1.571 1.512 0.059  0.007 N 
# 
loop_
_pdbx_validate_rmsd_angle.id 
_pdbx_validate_rmsd_angle.PDB_model_num 
_pdbx_validate_rmsd_angle.auth_atom_id_1 
_pdbx_validate_rmsd_angle.auth_asym_id_1 
_pdbx_validate_rmsd_angle.auth_comp_id_1 
_pdbx_validate_rmsd_angle.auth_seq_id_1 
_pdbx_validate_rmsd_angle.PDB_ins_code_1 
_pdbx_validate_rmsd_angle.label_alt_id_1 
_pdbx_validate_rmsd_angle.auth_atom_id_2 
_pdbx_validate_rmsd_angle.auth_asym_id_2 
_pdbx_validate_rmsd_angle.auth_comp_id_2 
_pdbx_validate_rmsd_angle.auth_seq_id_2 
_pdbx_validate_rmsd_angle.PDB_ins_code_2 
_pdbx_validate_rmsd_angle.label_alt_id_2 
_pdbx_validate_rmsd_angle.auth_atom_id_3 
_pdbx_validate_rmsd_angle.auth_asym_id_3 
_pdbx_validate_rmsd_angle.auth_comp_id_3 
_pdbx_validate_rmsd_angle.auth_seq_id_3 
_pdbx_validate_rmsd_angle.PDB_ins_code_3 
_pdbx_validate_rmsd_angle.label_alt_id_3 
_pdbx_validate_rmsd_angle.angle_value 
_pdbx_validate_rmsd_angle.angle_target_value 
_pdbx_validate_rmsd_angle.angle_deviation 
_pdbx_validate_rmsd_angle.angle_standard_deviation 
_pdbx_validate_rmsd_angle.linker_flag 
1  1 N1    A DC 1  ? ? C2    A DC 1  ? ? O2    A DC 1  ? ? 124.00 118.90 5.10   0.60 N 
2  1 "C3'" A DG 2  ? ? "O3'" A DG 2  ? ? P     A DC 3  ? ? 127.72 119.70 8.02   1.20 Y 
3  1 "C1'" A DC 3  ? ? "O4'" A DC 3  ? ? "C4'" A DC 3  ? ? 115.61 110.30 5.31   0.70 N 
4  1 "O4'" A DC 3  ? ? "C1'" A DC 3  ? ? "C2'" A DC 3  ? ? 99.48  105.90 -6.42  0.80 N 
5  1 "O4'" A DC 3  ? ? "C1'" A DC 3  ? ? N1    A DC 3  ? ? 114.38 108.30 6.08   0.30 N 
6  1 N3    A DC 3  ? ? C4    A DC 3  ? ? C5    A DC 3  ? ? 119.21 121.90 -2.69  0.40 N 
7  1 N1    A DC 3  ? ? C2    A DC 3  ? ? O2    A DC 3  ? ? 124.84 118.90 5.94   0.60 N 
8  1 N3    A DC 3  ? ? C2    A DC 3  ? ? O2    A DC 3  ? ? 114.87 121.90 -7.03  0.70 N 
9  1 "O3'" A DC 3  ? ? P     A DA 4  ? ? "O5'" A DA 4  ? ? 91.47  104.00 -12.53 1.90 Y 
10 1 "C1'" A DA 4  ? ? "O4'" A DA 4  ? ? "C4'" A DA 4  ? ? 116.17 110.30 5.87   0.70 N 
11 1 "O4'" A DA 4  ? ? "C1'" A DA 4  ? ? N9    A DA 4  ? ? 111.28 108.30 2.98   0.30 N 
12 1 C8    A DA 4  ? ? N9    A DA 4  ? ? C4    A DA 4  ? ? 103.12 105.80 -2.68  0.40 N 
13 1 "C1'" A DA 6  ? ? "O4'" A DA 6  ? ? "C4'" A DA 6  ? ? 114.55 110.30 4.25   0.70 N 
14 1 "O4'" A DA 6  ? ? "C1'" A DA 6  ? ? "C2'" A DA 6  ? ? 100.69 105.90 -5.21  0.80 N 
15 1 N1    A DA 6  ? ? C2    A DA 6  ? ? N3    A DA 6  ? ? 133.63 129.30 4.33   0.50 N 
16 1 N9    A DA 6  ? ? C4    A DA 6  ? ? C5    A DA 6  ? ? 109.39 105.80 3.59   0.40 N 
17 1 "O4'" A DT 7  ? ? "C1'" A DT 7  ? ? "C2'" A DT 7  ? ? 100.48 105.90 -5.42  0.80 N 
18 1 "O4'" A DT 7  ? ? "C1'" A DT 7  ? ? N1    A DT 7  ? ? 119.61 108.30 11.31  0.30 N 
19 1 N3    A DT 7  ? ? C2    A DT 7  ? ? O2    A DT 7  ? ? 116.75 122.30 -5.55  0.60 N 
20 1 C4    A DT 8  ? ? C5    A DT 8  ? ? C6    A DT 8  ? ? 122.82 118.00 4.82   0.60 N 
21 1 N3    A DT 8  ? ? C2    A DT 8  ? ? O2    A DT 8  ? ? 118.02 122.30 -4.28  0.60 N 
22 1 "C3'" A DT 8  ? ? "O3'" A DT 8  ? ? P     A DT 9  ? ? 132.70 119.70 13.00  1.20 Y 
23 1 P     A DT 9  ? ? "O5'" A DT 9  ? ? "C5'" A DT 9  ? ? 110.74 120.90 -10.16 1.60 N 
24 1 "C1'" A DT 9  ? ? "O4'" A DT 9  ? ? "C4'" A DT 9  ? ? 115.73 110.30 5.43   0.70 N 
25 1 "O4'" A DT 9  ? ? "C1'" A DT 9  ? ? "C2'" A DT 9  ? ? 99.83  105.90 -6.07  0.80 N 
26 1 N1    A DT 9  ? ? C2    A DT 9  ? ? N3    A DT 9  ? ? 118.48 114.60 3.88   0.60 N 
27 1 N3    A DT 9  ? ? C2    A DT 9  ? ? O2    A DT 9  ? ? 116.67 122.30 -5.63  0.60 N 
28 1 "O4'" A DG 10 ? ? "C1'" A DG 10 ? ? N9    A DG 10 ? ? 113.01 108.30 4.71   0.30 N 
29 1 "C3'" A DG 10 ? ? "O3'" A DG 10 ? ? P     A DC 11 ? ? 134.72 119.70 15.02  1.20 Y 
30 1 N3    A DC 11 ? ? C4    A DC 11 ? ? C5    A DC 11 ? ? 119.37 121.90 -2.53  0.40 N 
31 1 "C5'" A DG 12 ? ? "C4'" A DG 12 ? ? "O4'" A DG 12 ? ? 117.59 109.80 7.79   1.10 N 
32 1 N3    A DG 12 ? ? C4    A DG 12 ? ? N9    A DG 12 ? ? 129.98 126.00 3.98   0.60 N 
33 1 N3    B DC 13 ? ? C4    B DC 13 ? ? N4    B DC 13 ? ? 122.64 118.00 4.64   0.70 N 
34 1 "C1'" B DG 14 ? ? "O4'" B DG 14 ? ? "C4'" B DG 14 ? ? 114.50 110.30 4.20   0.70 N 
35 1 "O4'" B DG 14 ? ? "C1'" B DG 14 ? ? "C2'" B DG 14 ? ? 100.56 105.90 -5.34  0.80 N 
36 1 "O4'" B DG 14 ? ? "C1'" B DG 14 ? ? N9    B DG 14 ? ? 115.14 108.30 6.84   0.30 N 
37 1 "C1'" B DC 15 ? ? "O4'" B DC 15 ? ? "C4'" B DC 15 ? ? 114.58 110.30 4.28   0.70 N 
38 1 "O4'" B DC 15 ? ? "C1'" B DC 15 ? ? "C2'" B DC 15 ? ? 100.08 105.90 -5.82  0.80 N 
39 1 "O4'" B DC 15 ? ? "C1'" B DC 15 ? ? N1    B DC 15 ? ? 112.65 108.30 4.35   0.30 N 
40 1 N1    B DC 15 ? ? C2    B DC 15 ? ? O2    B DC 15 ? ? 122.54 118.90 3.64   0.60 N 
41 1 N1    B DA 16 ? ? C2    B DA 16 ? ? N3    B DA 16 ? ? 125.39 129.30 -3.91  0.50 N 
42 1 C2    B DA 16 ? ? N3    B DA 16 ? ? C4    B DA 16 ? ? 115.45 110.60 4.85   0.50 N 
43 1 "C1'" B DA 17 ? ? "O4'" B DA 17 ? ? "C4'" B DA 17 ? ? 115.06 110.30 4.76   0.70 N 
44 1 "O4'" B DA 17 ? ? "C1'" B DA 17 ? ? "C2'" B DA 17 ? ? 100.98 105.90 -4.92  0.80 N 
45 1 "O4'" B DA 17 ? ? "C1'" B DA 17 ? ? N9    B DA 17 ? ? 114.81 108.30 6.51   0.30 N 
46 1 N9    B DA 17 ? ? C4    B DA 17 ? ? C5    B DA 17 ? ? 108.62 105.80 2.82   0.40 N 
47 1 "O4'" B DA 18 ? ? "C1'" B DA 18 ? ? N9    B DA 18 ? ? 111.84 108.30 3.54   0.30 N 
48 1 P     B DT 19 ? ? "O5'" B DT 19 ? ? "C5'" B DT 19 ? ? 111.18 120.90 -9.72  1.60 N 
49 1 "O4'" B DT 19 ? ? "C1'" B DT 19 ? ? N1    B DT 19 ? ? 115.28 108.30 6.98   0.30 N 
50 1 N1    B DT 19 ? ? C2    B DT 19 ? ? N3    B DT 19 ? ? 118.25 114.60 3.65   0.60 N 
51 1 C4    B DT 19 ? ? C5    B DT 19 ? ? C6    B DT 19 ? ? 122.35 118.00 4.35   0.60 N 
52 1 C5    B DT 19 ? ? C4    B DT 19 ? ? O4    B DT 19 ? ? 129.55 124.90 4.65   0.70 N 
53 1 C6    B DT 19 ? ? C5    B DT 19 ? ? C7    B DT 19 ? ? 118.73 122.90 -4.17  0.60 N 
54 1 N1    B DT 21 ? ? C2    B DT 21 ? ? N3    B DT 21 ? ? 119.03 114.60 4.43   0.60 N 
55 1 C4    B DT 21 ? ? C5    B DT 21 ? ? C6    B DT 21 ? ? 121.96 118.00 3.96   0.60 N 
56 1 N3    B DT 21 ? ? C2    B DT 21 ? ? O2    B DT 21 ? ? 116.17 122.30 -6.13  0.60 N 
57 1 "O4'" B DG 22 ? ? "C4'" B DG 22 ? ? "C3'" B DG 22 ? ? 101.46 104.50 -3.04  0.40 N 
58 1 "C3'" B DG 22 ? ? "C2'" B DG 22 ? ? "C1'" B DG 22 ? ? 96.77  102.40 -5.63  0.80 N 
59 1 "O4'" B DG 22 ? ? "C1'" B DG 22 ? ? N9    B DG 22 ? ? 113.13 108.30 4.83   0.30 N 
60 1 N3    B DG 22 ? ? C4    B DG 22 ? ? C5    B DG 22 ? ? 124.89 128.60 -3.71  0.50 N 
61 1 "O4'" B DC 23 ? ? "C1'" B DC 23 ? ? N1    B DC 23 ? ? 117.55 108.30 9.25   0.30 N 
62 1 N1    B DC 23 ? ? C2    B DC 23 ? ? O2    B DC 23 ? ? 123.01 118.90 4.11   0.60 N 
63 1 N3    B DC 23 ? ? C4    B DC 23 ? ? N4    B DC 23 ? ? 123.97 118.00 5.97   0.70 N 
64 1 C5    B DC 23 ? ? C4    B DC 23 ? ? N4    B DC 23 ? ? 114.80 120.20 -5.40  0.70 N 
65 1 "C5'" B DG 24 ? ? "C4'" B DG 24 ? ? "C3'" B DG 24 ? ? 102.85 114.10 -11.25 1.80 N 
66 1 "O4'" B DG 24 ? ? "C1'" B DG 24 ? ? N9    B DG 24 ? ? 113.50 108.30 5.20   0.30 N 
# 
_struct_site_keywords.site_id   1 
_struct_site_keywords.text      'MINOR GROOVE BINDER' 
# 
loop_
_refine_B_iso.class 
_refine_B_iso.details 
_refine_B_iso.treatment 
_refine_B_iso.pdbx_refine_id 
'ALL ATOMS'  TR isotropic 'X-RAY DIFFRACTION' 
'ALL WATERS' TR isotropic 'X-RAY DIFFRACTION' 
# 
loop_
_refine_occupancy.class 
_refine_occupancy.treatment 
_refine_occupancy.pdbx_refine_id 
'ALL ATOMS'  fix 'X-RAY DIFFRACTION' 
'ALL WATERS' fix 'X-RAY DIFFRACTION' 
# 
loop_
_chem_comp_atom.comp_id 
_chem_comp_atom.atom_id 
_chem_comp_atom.type_symbol 
_chem_comp_atom.pdbx_aromatic_flag 
_chem_comp_atom.pdbx_stereo_config 
_chem_comp_atom.pdbx_ordinal 
DA  OP3    O N N 1   
DA  P      P N N 2   
DA  OP1    O N N 3   
DA  OP2    O N N 4   
DA  "O5'"  O N N 5   
DA  "C5'"  C N N 6   
DA  "C4'"  C N R 7   
DA  "O4'"  O N N 8   
DA  "C3'"  C N S 9   
DA  "O3'"  O N N 10  
DA  "C2'"  C N N 11  
DA  "C1'"  C N R 12  
DA  N9     N Y N 13  
DA  C8     C Y N 14  
DA  N7     N Y N 15  
DA  C5     C Y N 16  
DA  C6     C Y N 17  
DA  N6     N N N 18  
DA  N1     N Y N 19  
DA  C2     C Y N 20  
DA  N3     N Y N 21  
DA  C4     C Y N 22  
DA  HOP3   H N N 23  
DA  HOP2   H N N 24  
DA  "H5'"  H N N 25  
DA  "H5''" H N N 26  
DA  "H4'"  H N N 27  
DA  "H3'"  H N N 28  
DA  "HO3'" H N N 29  
DA  "H2'"  H N N 30  
DA  "H2''" H N N 31  
DA  "H1'"  H N N 32  
DA  H8     H N N 33  
DA  H61    H N N 34  
DA  H62    H N N 35  
DA  H2     H N N 36  
DC  OP3    O N N 37  
DC  P      P N N 38  
DC  OP1    O N N 39  
DC  OP2    O N N 40  
DC  "O5'"  O N N 41  
DC  "C5'"  C N N 42  
DC  "C4'"  C N R 43  
DC  "O4'"  O N N 44  
DC  "C3'"  C N S 45  
DC  "O3'"  O N N 46  
DC  "C2'"  C N N 47  
DC  "C1'"  C N R 48  
DC  N1     N N N 49  
DC  C2     C N N 50  
DC  O2     O N N 51  
DC  N3     N N N 52  
DC  C4     C N N 53  
DC  N4     N N N 54  
DC  C5     C N N 55  
DC  C6     C N N 56  
DC  HOP3   H N N 57  
DC  HOP2   H N N 58  
DC  "H5'"  H N N 59  
DC  "H5''" H N N 60  
DC  "H4'"  H N N 61  
DC  "H3'"  H N N 62  
DC  "HO3'" H N N 63  
DC  "H2'"  H N N 64  
DC  "H2''" H N N 65  
DC  "H1'"  H N N 66  
DC  H41    H N N 67  
DC  H42    H N N 68  
DC  H5     H N N 69  
DC  H6     H N N 70  
DG  OP3    O N N 71  
DG  P      P N N 72  
DG  OP1    O N N 73  
DG  OP2    O N N 74  
DG  "O5'"  O N N 75  
DG  "C5'"  C N N 76  
DG  "C4'"  C N R 77  
DG  "O4'"  O N N 78  
DG  "C3'"  C N S 79  
DG  "O3'"  O N N 80  
DG  "C2'"  C N N 81  
DG  "C1'"  C N R 82  
DG  N9     N Y N 83  
DG  C8     C Y N 84  
DG  N7     N Y N 85  
DG  C5     C Y N 86  
DG  C6     C N N 87  
DG  O6     O N N 88  
DG  N1     N N N 89  
DG  C2     C N N 90  
DG  N2     N N N 91  
DG  N3     N N N 92  
DG  C4     C Y N 93  
DG  HOP3   H N N 94  
DG  HOP2   H N N 95  
DG  "H5'"  H N N 96  
DG  "H5''" H N N 97  
DG  "H4'"  H N N 98  
DG  "H3'"  H N N 99  
DG  "HO3'" H N N 100 
DG  "H2'"  H N N 101 
DG  "H2''" H N N 102 
DG  "H1'"  H N N 103 
DG  H8     H N N 104 
DG  H1     H N N 105 
DG  H21    H N N 106 
DG  H22    H N N 107 
DT  OP3    O N N 108 
DT  P      P N N 109 
DT  OP1    O N N 110 
DT  OP2    O N N 111 
DT  "O5'"  O N N 112 
DT  "C5'"  C N N 113 
DT  "C4'"  C N R 114 
DT  "O4'"  O N N 115 
DT  "C3'"  C N S 116 
DT  "O3'"  O N N 117 
DT  "C2'"  C N N 118 
DT  "C1'"  C N R 119 
DT  N1     N N N 120 
DT  C2     C N N 121 
DT  O2     O N N 122 
DT  N3     N N N 123 
DT  C4     C N N 124 
DT  O4     O N N 125 
DT  C5     C N N 126 
DT  C7     C N N 127 
DT  C6     C N N 128 
DT  HOP3   H N N 129 
DT  HOP2   H N N 130 
DT  "H5'"  H N N 131 
DT  "H5''" H N N 132 
DT  "H4'"  H N N 133 
DT  "H3'"  H N N 134 
DT  "HO3'" H N N 135 
DT  "H2'"  H N N 136 
DT  "H2''" H N N 137 
DT  "H1'"  H N N 138 
DT  H3     H N N 139 
DT  H71    H N N 140 
DT  H72    H N N 141 
DT  H73    H N N 142 
DT  H6     H N N 143 
HOH O      O N N 144 
HOH H1     H N N 145 
HOH H2     H N N 146 
TNT C1     C Y N 147 
TNT C2     C Y N 148 
TNT C3     C Y N 149 
TNT C4     C Y N 150 
TNT C5     C Y N 151 
TNT C6     C Y N 152 
TNT C7     C N N 153 
TNT N1     N N N 154 
TNT N2     N N N 155 
TNT "C1'"  C Y N 156 
TNT "C2'"  C Y N 157 
TNT "C3'"  C Y N 158 
TNT "C4'"  C Y N 159 
TNT "C5'"  C Y N 160 
TNT "C6'"  C Y N 161 
TNT "C7'"  C N N 162 
TNT "N1'"  N N N 163 
TNT "N2'"  N N N 164 
TNT CA     C N N 165 
TNT O1     O N N 166 
TNT CB     C N N 167 
TNT "CA'"  C N N 168 
TNT "O1'"  O N N 169 
TNT H2     H N N 170 
TNT H3     H N N 171 
TNT H5     H N N 172 
TNT H6     H N N 173 
TNT HN1    H N N 174 
TNT HN2    H N N 175 
TNT HN3    H N N 176 
TNT "H2'"  H N N 177 
TNT "H3'"  H N N 178 
TNT "H5'"  H N N 179 
TNT "H6'"  H N N 180 
TNT "HN'1" H N N 181 
TNT "HN'2" H N N 182 
TNT "HN'3" H N N 183 
TNT HA1    H N N 184 
TNT HA2    H N N 185 
TNT HB1    H N N 186 
TNT HB2    H N N 187 
TNT "HA'1" H N N 188 
TNT "HA'2" H N N 189 
# 
loop_
_chem_comp_bond.comp_id 
_chem_comp_bond.atom_id_1 
_chem_comp_bond.atom_id_2 
_chem_comp_bond.value_order 
_chem_comp_bond.pdbx_aromatic_flag 
_chem_comp_bond.pdbx_stereo_config 
_chem_comp_bond.pdbx_ordinal 
DA  OP3   P      sing N N 1   
DA  OP3   HOP3   sing N N 2   
DA  P     OP1    doub N N 3   
DA  P     OP2    sing N N 4   
DA  P     "O5'"  sing N N 5   
DA  OP2   HOP2   sing N N 6   
DA  "O5'" "C5'"  sing N N 7   
DA  "C5'" "C4'"  sing N N 8   
DA  "C5'" "H5'"  sing N N 9   
DA  "C5'" "H5''" sing N N 10  
DA  "C4'" "O4'"  sing N N 11  
DA  "C4'" "C3'"  sing N N 12  
DA  "C4'" "H4'"  sing N N 13  
DA  "O4'" "C1'"  sing N N 14  
DA  "C3'" "O3'"  sing N N 15  
DA  "C3'" "C2'"  sing N N 16  
DA  "C3'" "H3'"  sing N N 17  
DA  "O3'" "HO3'" sing N N 18  
DA  "C2'" "C1'"  sing N N 19  
DA  "C2'" "H2'"  sing N N 20  
DA  "C2'" "H2''" sing N N 21  
DA  "C1'" N9     sing N N 22  
DA  "C1'" "H1'"  sing N N 23  
DA  N9    C8     sing Y N 24  
DA  N9    C4     sing Y N 25  
DA  C8    N7     doub Y N 26  
DA  C8    H8     sing N N 27  
DA  N7    C5     sing Y N 28  
DA  C5    C6     sing Y N 29  
DA  C5    C4     doub Y N 30  
DA  C6    N6     sing N N 31  
DA  C6    N1     doub Y N 32  
DA  N6    H61    sing N N 33  
DA  N6    H62    sing N N 34  
DA  N1    C2     sing Y N 35  
DA  C2    N3     doub Y N 36  
DA  C2    H2     sing N N 37  
DA  N3    C4     sing Y N 38  
DC  OP3   P      sing N N 39  
DC  OP3   HOP3   sing N N 40  
DC  P     OP1    doub N N 41  
DC  P     OP2    sing N N 42  
DC  P     "O5'"  sing N N 43  
DC  OP2   HOP2   sing N N 44  
DC  "O5'" "C5'"  sing N N 45  
DC  "C5'" "C4'"  sing N N 46  
DC  "C5'" "H5'"  sing N N 47  
DC  "C5'" "H5''" sing N N 48  
DC  "C4'" "O4'"  sing N N 49  
DC  "C4'" "C3'"  sing N N 50  
DC  "C4'" "H4'"  sing N N 51  
DC  "O4'" "C1'"  sing N N 52  
DC  "C3'" "O3'"  sing N N 53  
DC  "C3'" "C2'"  sing N N 54  
DC  "C3'" "H3'"  sing N N 55  
DC  "O3'" "HO3'" sing N N 56  
DC  "C2'" "C1'"  sing N N 57  
DC  "C2'" "H2'"  sing N N 58  
DC  "C2'" "H2''" sing N N 59  
DC  "C1'" N1     sing N N 60  
DC  "C1'" "H1'"  sing N N 61  
DC  N1    C2     sing N N 62  
DC  N1    C6     sing N N 63  
DC  C2    O2     doub N N 64  
DC  C2    N3     sing N N 65  
DC  N3    C4     doub N N 66  
DC  C4    N4     sing N N 67  
DC  C4    C5     sing N N 68  
DC  N4    H41    sing N N 69  
DC  N4    H42    sing N N 70  
DC  C5    C6     doub N N 71  
DC  C5    H5     sing N N 72  
DC  C6    H6     sing N N 73  
DG  OP3   P      sing N N 74  
DG  OP3   HOP3   sing N N 75  
DG  P     OP1    doub N N 76  
DG  P     OP2    sing N N 77  
DG  P     "O5'"  sing N N 78  
DG  OP2   HOP2   sing N N 79  
DG  "O5'" "C5'"  sing N N 80  
DG  "C5'" "C4'"  sing N N 81  
DG  "C5'" "H5'"  sing N N 82  
DG  "C5'" "H5''" sing N N 83  
DG  "C4'" "O4'"  sing N N 84  
DG  "C4'" "C3'"  sing N N 85  
DG  "C4'" "H4'"  sing N N 86  
DG  "O4'" "C1'"  sing N N 87  
DG  "C3'" "O3'"  sing N N 88  
DG  "C3'" "C2'"  sing N N 89  
DG  "C3'" "H3'"  sing N N 90  
DG  "O3'" "HO3'" sing N N 91  
DG  "C2'" "C1'"  sing N N 92  
DG  "C2'" "H2'"  sing N N 93  
DG  "C2'" "H2''" sing N N 94  
DG  "C1'" N9     sing N N 95  
DG  "C1'" "H1'"  sing N N 96  
DG  N9    C8     sing Y N 97  
DG  N9    C4     sing Y N 98  
DG  C8    N7     doub Y N 99  
DG  C8    H8     sing N N 100 
DG  N7    C5     sing Y N 101 
DG  C5    C6     sing N N 102 
DG  C5    C4     doub Y N 103 
DG  C6    O6     doub N N 104 
DG  C6    N1     sing N N 105 
DG  N1    C2     sing N N 106 
DG  N1    H1     sing N N 107 
DG  C2    N2     sing N N 108 
DG  C2    N3     doub N N 109 
DG  N2    H21    sing N N 110 
DG  N2    H22    sing N N 111 
DG  N3    C4     sing N N 112 
DT  OP3   P      sing N N 113 
DT  OP3   HOP3   sing N N 114 
DT  P     OP1    doub N N 115 
DT  P     OP2    sing N N 116 
DT  P     "O5'"  sing N N 117 
DT  OP2   HOP2   sing N N 118 
DT  "O5'" "C5'"  sing N N 119 
DT  "C5'" "C4'"  sing N N 120 
DT  "C5'" "H5'"  sing N N 121 
DT  "C5'" "H5''" sing N N 122 
DT  "C4'" "O4'"  sing N N 123 
DT  "C4'" "C3'"  sing N N 124 
DT  "C4'" "H4'"  sing N N 125 
DT  "O4'" "C1'"  sing N N 126 
DT  "C3'" "O3'"  sing N N 127 
DT  "C3'" "C2'"  sing N N 128 
DT  "C3'" "H3'"  sing N N 129 
DT  "O3'" "HO3'" sing N N 130 
DT  "C2'" "C1'"  sing N N 131 
DT  "C2'" "H2'"  sing N N 132 
DT  "C2'" "H2''" sing N N 133 
DT  "C1'" N1     sing N N 134 
DT  "C1'" "H1'"  sing N N 135 
DT  N1    C2     sing N N 136 
DT  N1    C6     sing N N 137 
DT  C2    O2     doub N N 138 
DT  C2    N3     sing N N 139 
DT  N3    C4     sing N N 140 
DT  N3    H3     sing N N 141 
DT  C4    O4     doub N N 142 
DT  C4    C5     sing N N 143 
DT  C5    C7     sing N N 144 
DT  C5    C6     doub N N 145 
DT  C7    H71    sing N N 146 
DT  C7    H72    sing N N 147 
DT  C7    H73    sing N N 148 
DT  C6    H6     sing N N 149 
HOH O     H1     sing N N 150 
HOH O     H2     sing N N 151 
TNT C1    C2     doub Y N 152 
TNT C1    C6     sing Y N 153 
TNT C1    O1     sing N N 154 
TNT C2    C3     sing Y N 155 
TNT C2    H2     sing N N 156 
TNT C3    C4     doub Y N 157 
TNT C3    H3     sing N N 158 
TNT C4    C5     sing Y N 159 
TNT C4    C7     sing N N 160 
TNT C5    C6     doub Y N 161 
TNT C5    H5     sing N N 162 
TNT C6    H6     sing N N 163 
TNT C7    N1     doub N N 164 
TNT C7    N2     sing N N 165 
TNT N1    HN1    sing N N 166 
TNT N2    HN2    sing N N 167 
TNT N2    HN3    sing N N 168 
TNT "C1'" "C2'"  doub Y N 169 
TNT "C1'" "C6'"  sing Y N 170 
TNT "C1'" "O1'"  sing N N 171 
TNT "C2'" "C3'"  sing Y N 172 
TNT "C2'" "H2'"  sing N N 173 
TNT "C3'" "C4'"  doub Y N 174 
TNT "C3'" "H3'"  sing N N 175 
TNT "C4'" "C5'"  sing Y N 176 
TNT "C4'" "C7'"  sing N N 177 
TNT "C5'" "C6'"  doub Y N 178 
TNT "C5'" "H5'"  sing N N 179 
TNT "C6'" "H6'"  sing N N 180 
TNT "C7'" "N1'"  doub N N 181 
TNT "C7'" "N2'"  sing N N 182 
TNT "N1'" "HN'1" sing N N 183 
TNT "N2'" "HN'2" sing N N 184 
TNT "N2'" "HN'3" sing N N 185 
TNT CA    O1     sing N N 186 
TNT CA    CB     sing N N 187 
TNT CA    HA1    sing N N 188 
TNT CA    HA2    sing N N 189 
TNT CB    "CA'"  sing N N 190 
TNT CB    HB1    sing N N 191 
TNT CB    HB2    sing N N 192 
TNT "CA'" "O1'"  sing N N 193 
TNT "CA'" "HA'1" sing N N 194 
TNT "CA'" "HA'2" sing N N 195 
# 
_ndb_struct_conf_na.entry_id   102D 
_ndb_struct_conf_na.feature    'b-form double helix' 
# 
loop_
_ndb_struct_na_base_pair.model_number 
_ndb_struct_na_base_pair.i_label_asym_id 
_ndb_struct_na_base_pair.i_label_comp_id 
_ndb_struct_na_base_pair.i_label_seq_id 
_ndb_struct_na_base_pair.i_symmetry 
_ndb_struct_na_base_pair.j_label_asym_id 
_ndb_struct_na_base_pair.j_label_comp_id 
_ndb_struct_na_base_pair.j_label_seq_id 
_ndb_struct_na_base_pair.j_symmetry 
_ndb_struct_na_base_pair.shear 
_ndb_struct_na_base_pair.stretch 
_ndb_struct_na_base_pair.stagger 
_ndb_struct_na_base_pair.buckle 
_ndb_struct_na_base_pair.propeller 
_ndb_struct_na_base_pair.opening 
_ndb_struct_na_base_pair.pair_number 
_ndb_struct_na_base_pair.pair_name 
_ndb_struct_na_base_pair.i_auth_asym_id 
_ndb_struct_na_base_pair.i_auth_seq_id 
_ndb_struct_na_base_pair.i_PDB_ins_code 
_ndb_struct_na_base_pair.j_auth_asym_id 
_ndb_struct_na_base_pair.j_auth_seq_id 
_ndb_struct_na_base_pair.j_PDB_ins_code 
_ndb_struct_na_base_pair.hbond_type_28 
_ndb_struct_na_base_pair.hbond_type_12 
1 A DC 1  1_555 B DG 12 1_555 -0.109 -0.160 0.184  2.206  -9.356  -5.599 1  A_DC1:DG24_B  A 1  ? B 24 ? 19 1 
1 A DG 2  1_555 B DC 11 1_555 0.019  -0.290 0.545  4.541  -8.708  -4.717 2  A_DG2:DC23_B  A 2  ? B 23 ? 19 1 
1 A DC 3  1_555 B DG 10 1_555 0.050  -0.045 0.134  -5.131 -6.485  0.629  3  A_DC3:DG22_B  A 3  ? B 22 ? 19 1 
1 A DA 4  1_555 B DT 9  1_555 0.259  -0.094 -0.268 15.404 -10.654 -2.999 4  A_DA4:DT21_B  A 4  ? B 21 ? 20 1 
1 A DA 5  1_555 B DT 8  1_555 0.133  -0.044 -0.128 4.838  -15.845 -1.543 5  A_DA5:DT20_B  A 5  ? B 20 ? 20 1 
1 A DA 6  1_555 B DT 7  1_555 0.142  -0.035 0.329  2.228  -19.128 -4.332 6  A_DA6:DT19_B  A 6  ? B 19 ? 20 1 
1 A DT 7  1_555 B DA 6  1_555 0.015  -0.031 0.332  -0.167 -18.014 0.450  7  A_DT7:DA18_B  A 7  ? B 18 ? 20 1 
1 A DT 8  1_555 B DA 5  1_555 -0.258 -0.238 -0.166 -0.759 -16.903 -4.420 8  A_DT8:DA17_B  A 8  ? B 17 ? 20 1 
1 A DT 9  1_555 B DA 4  1_555 -0.357 -0.029 -0.318 -7.042 -10.913 -7.743 9  A_DT9:DA16_B  A 9  ? B 16 ? 20 1 
1 A DG 10 1_555 B DC 3  1_555 0.034  -0.152 0.299  7.644  0.533   -1.804 10 A_DG10:DC15_B A 10 ? B 15 ? 19 1 
1 A DC 11 1_555 B DG 2  1_555 0.199  -0.224 0.475  4.338  -20.209 -0.926 11 A_DC11:DG14_B A 11 ? B 14 ? 19 1 
1 A DG 12 1_555 B DC 1  1_555 -0.186 -0.323 -0.161 0.173  9.345   -4.458 12 A_DG12:DC13_B A 12 ? B 13 ? 19 1 
# 
loop_
_ndb_struct_na_base_pair_step.model_number 
_ndb_struct_na_base_pair_step.i_label_asym_id_1 
_ndb_struct_na_base_pair_step.i_label_comp_id_1 
_ndb_struct_na_base_pair_step.i_label_seq_id_1 
_ndb_struct_na_base_pair_step.i_symmetry_1 
_ndb_struct_na_base_pair_step.j_label_asym_id_1 
_ndb_struct_na_base_pair_step.j_label_comp_id_1 
_ndb_struct_na_base_pair_step.j_label_seq_id_1 
_ndb_struct_na_base_pair_step.j_symmetry_1 
_ndb_struct_na_base_pair_step.i_label_asym_id_2 
_ndb_struct_na_base_pair_step.i_label_comp_id_2 
_ndb_struct_na_base_pair_step.i_label_seq_id_2 
_ndb_struct_na_base_pair_step.i_symmetry_2 
_ndb_struct_na_base_pair_step.j_label_asym_id_2 
_ndb_struct_na_base_pair_step.j_label_comp_id_2 
_ndb_struct_na_base_pair_step.j_label_seq_id_2 
_ndb_struct_na_base_pair_step.j_symmetry_2 
_ndb_struct_na_base_pair_step.shift 
_ndb_struct_na_base_pair_step.slide 
_ndb_struct_na_base_pair_step.rise 
_ndb_struct_na_base_pair_step.tilt 
_ndb_struct_na_base_pair_step.roll 
_ndb_struct_na_base_pair_step.twist 
_ndb_struct_na_base_pair_step.x_displacement 
_ndb_struct_na_base_pair_step.y_displacement 
_ndb_struct_na_base_pair_step.helical_rise 
_ndb_struct_na_base_pair_step.inclination 
_ndb_struct_na_base_pair_step.tip 
_ndb_struct_na_base_pair_step.helical_twist 
_ndb_struct_na_base_pair_step.step_number 
_ndb_struct_na_base_pair_step.step_name 
_ndb_struct_na_base_pair_step.i_auth_asym_id_1 
_ndb_struct_na_base_pair_step.i_auth_seq_id_1 
_ndb_struct_na_base_pair_step.i_PDB_ins_code_1 
_ndb_struct_na_base_pair_step.j_auth_asym_id_1 
_ndb_struct_na_base_pair_step.j_auth_seq_id_1 
_ndb_struct_na_base_pair_step.j_PDB_ins_code_1 
_ndb_struct_na_base_pair_step.i_auth_asym_id_2 
_ndb_struct_na_base_pair_step.i_auth_seq_id_2 
_ndb_struct_na_base_pair_step.i_PDB_ins_code_2 
_ndb_struct_na_base_pair_step.j_auth_asym_id_2 
_ndb_struct_na_base_pair_step.j_auth_seq_id_2 
_ndb_struct_na_base_pair_step.j_PDB_ins_code_2 
1 A DC 1  1_555 B DG 12 1_555 A DG 2  1_555 B DC 11 1_555 -0.082 -0.065 3.460 -3.208 2.454  37.301 -0.441 -0.317 3.444 3.823   
4.997  37.511 1  AA_DC1DG2:DC23DG24_BB   A 1  ? B 24 ? A 2  ? B 23 ? 
1 A DG 2  1_555 B DC 11 1_555 A DC 3  1_555 B DG 10 1_555 0.725  0.275  3.635 6.171  -3.387 38.974 0.853  -0.257 3.667 -5.026  
-9.158 39.581 2  AA_DG2DC3:DG22DC23_BB   A 2  ? B 23 ? A 3  ? B 22 ? 
1 A DC 3  1_555 B DG 10 1_555 A DA 4  1_555 B DT 9  1_555 -0.570 0.604  3.023 1.418  5.842  29.731 0.051  1.358  3.053 11.242  
-2.727 30.319 3  AA_DC3DA4:DT21DG22_BB   A 3  ? B 22 ? A 4  ? B 21 ? 
1 A DA 4  1_555 B DT 9  1_555 A DA 5  1_555 B DT 8  1_555 -0.080 0.094  3.564 -1.824 1.537  34.720 -0.098 -0.169 3.564 2.571   
3.053  34.799 4  AA_DA4DA5:DT20DT21_BB   A 4  ? B 21 ? A 5  ? B 20 ? 
1 A DA 5  1_555 B DT 8  1_555 A DA 6  1_555 B DT 7  1_555 0.142  -0.386 3.235 -2.940 2.069  41.671 -0.753 -0.503 3.196 2.902   
4.124  41.819 5  AA_DA5DA6:DT19DT20_BB   A 5  ? B 20 ? A 6  ? B 19 ? 
1 A DA 6  1_555 B DT 7  1_555 A DT 7  1_555 B DA 6  1_555 0.154  -0.802 3.393 -0.492 0.076  27.447 -1.709 -0.451 3.388 0.161   
1.036  27.451 6  AA_DA6DT7:DA18DT19_BB   A 6  ? B 19 ? A 7  ? B 18 ? 
1 A DT 7  1_555 B DA 6  1_555 A DT 8  1_555 B DA 5  1_555 -0.310 -0.090 3.217 3.613  1.487  37.391 -0.329 0.941  3.169 2.311   
-5.618 37.587 7  AA_DT7DT8:DA17DA18_BB   A 7  ? B 18 ? A 8  ? B 17 ? 
1 A DT 8  1_555 B DA 5  1_555 A DT 9  1_555 B DA 4  1_555 -0.291 0.217  3.487 2.067  -2.059 38.904 0.588  0.701  3.452 -3.085  
-3.099 39.009 8  AA_DT8DT9:DA16DA17_BB   A 8  ? B 17 ? A 9  ? B 16 ? 
1 A DT 9  1_555 B DA 4  1_555 A DG 10 1_555 B DC 3  1_555 0.645  0.990  3.102 -6.133 -2.038 33.924 1.961  -1.964 2.882 -3.454  
10.394 34.516 9  AA_DT9DG10:DC15DA16_BB  A 9  ? B 16 ? A 10 ? B 15 ? 
1 A DG 10 1_555 B DC 3  1_555 A DC 11 1_555 B DG 2  1_555 -0.512 0.347  3.577 -0.564 -6.980 37.883 1.467  0.701  3.468 -10.641 
0.860  38.501 10 AA_DG10DC11:DG14DC15_BB A 10 ? B 15 ? A 11 ? B 14 ? 
1 A DC 11 1_555 B DG 2  1_555 A DG 12 1_555 B DC 1  1_555 0.328  0.643  3.735 6.467  -7.186 38.006 1.935  0.389  3.567 -10.821 
-9.739 39.173 11 AA_DC11DG12:DC13DG14_BB A 11 ? B 14 ? A 12 ? B 13 ? 
# 
_atom_sites.entry_id                    102D 
_atom_sites.fract_transf_matrix[1][1]   -0.02349994 
_atom_sites.fract_transf_matrix[1][2]   -0.02580516 
_atom_sites.fract_transf_matrix[1][3]   0.02025765 
_atom_sites.fract_transf_matrix[2][1]   -0.01376307 
_atom_sites.fract_transf_matrix[2][2]   0.01851437 
_atom_sites.fract_transf_matrix[2][3]   0.00761860 
_atom_sites.fract_transf_matrix[3][1]   -0.00890057 
_atom_sites.fract_transf_matrix[3][2]   -0.00155341 
_atom_sites.fract_transf_matrix[3][3]   -0.01230394 
_atom_sites.fract_transf_vector[1]      0.398950 
_atom_sites.fract_transf_vector[2]      0.606039 
_atom_sites.fract_transf_vector[3]      1.075938 
# 
loop_
_atom_type.symbol 
C 
N 
O 
P 
# 
loop_
_atom_site.group_PDB 
_atom_site.id 
_atom_site.type_symbol 
_atom_site.label_atom_id 
_atom_site.label_alt_id 
_atom_site.label_comp_id 
_atom_site.label_asym_id 
_atom_site.label_entity_id 
_atom_site.label_seq_id 
_atom_site.pdbx_PDB_ins_code 
_atom_site.Cartn_x 
_atom_site.Cartn_y 
_atom_site.Cartn_z 
_atom_site.occupancy 
_atom_site.B_iso_or_equiv 
_atom_site.pdbx_formal_charge 
_atom_site.auth_seq_id 
_atom_site.auth_comp_id 
_atom_site.auth_asym_id 
_atom_site.auth_atom_id 
_atom_site.pdbx_PDB_model_num 
ATOM   1   O "O5'" . DC  A 1 1  ? -22.333 -0.116  -9.005  1.00 30.19 ? 1  DC  A "O5'" 1 
ATOM   2   C "C5'" . DC  A 1 1  ? -21.851 -0.273  -7.662  1.00 27.48 ? 1  DC  A "C5'" 1 
ATOM   3   C "C4'" . DC  A 1 1  ? -21.894 -1.722  -7.272  1.00 26.24 ? 1  DC  A "C4'" 1 
ATOM   4   O "O4'" . DC  A 1 1  ? -21.292 -2.412  -8.388  1.00 25.39 ? 1  DC  A "O4'" 1 
ATOM   5   C "C3'" . DC  A 1 1  ? -21.029 -2.079  -6.032  1.00 25.73 ? 1  DC  A "C3'" 1 
ATOM   6   O "O3'" . DC  A 1 1  ? -21.539 -3.293  -5.386  1.00 27.53 ? 1  DC  A "O3'" 1 
ATOM   7   C "C2'" . DC  A 1 1  ? -19.696 -2.359  -6.725  1.00 25.04 ? 1  DC  A "C2'" 1 
ATOM   8   C "C1'" . DC  A 1 1  ? -20.097 -3.059  -8.016  1.00 23.43 ? 1  DC  A "C1'" 1 
ATOM   9   N N1    . DC  A 1 1  ? -19.200 -2.901  -9.182  1.00 20.98 ? 1  DC  A N1    1 
ATOM   10  C C2    . DC  A 1 1  ? -18.888 -4.042  -9.924  1.00 19.06 ? 1  DC  A C2    1 
ATOM   11  O O2    . DC  A 1 1  ? -19.328 -5.167  -9.677  1.00 18.36 ? 1  DC  A O2    1 
ATOM   12  N N3    . DC  A 1 1  ? -18.061 -3.909  -10.975 1.00 17.81 ? 1  DC  A N3    1 
ATOM   13  C C4    . DC  A 1 1  ? -17.563 -2.725  -11.287 1.00 17.67 ? 1  DC  A C4    1 
ATOM   14  N N4    . DC  A 1 1  ? -16.752 -2.656  -12.325 1.00 16.84 ? 1  DC  A N4    1 
ATOM   15  C C5    . DC  A 1 1  ? -17.871 -1.542  -10.551 1.00 17.71 ? 1  DC  A C5    1 
ATOM   16  C C6    . DC  A 1 1  ? -18.694 -1.676  -9.500  1.00 19.32 ? 1  DC  A C6    1 
ATOM   17  P P     . DG  A 1 2  ? -20.956 -3.992  -3.997  1.00 28.09 ? 2  DG  A P     1 
ATOM   18  O OP1   . DG  A 1 2  ? -22.064 -4.390  -3.096  1.00 26.65 ? 2  DG  A OP1   1 
ATOM   19  O OP2   . DG  A 1 2  ? -19.853 -3.102  -3.548  1.00 29.37 ? 2  DG  A OP2   1 
ATOM   20  O "O5'" . DG  A 1 2  ? -20.148 -5.274  -4.413  1.00 25.86 ? 2  DG  A "O5'" 1 
ATOM   21  C "C5'" . DG  A 1 2  ? -20.686 -6.202  -5.297  1.00 22.26 ? 2  DG  A "C5'" 1 
ATOM   22  C "C4'" . DG  A 1 2  ? -19.801 -7.381  -5.370  1.00 20.17 ? 2  DG  A "C4'" 1 
ATOM   23  O "O4'" . DG  A 1 2  ? -18.871 -7.145  -6.421  1.00 18.89 ? 2  DG  A "O4'" 1 
ATOM   24  C "C3'" . DG  A 1 2  ? -18.893 -7.536  -4.100  1.00 19.94 ? 2  DG  A "C3'" 1 
ATOM   25  O "O3'" . DG  A 1 2  ? -18.595 -8.926  -3.835  1.00 20.97 ? 2  DG  A "O3'" 1 
ATOM   26  C "C2'" . DG  A 1 2  ? -17.633 -6.807  -4.508  1.00 18.60 ? 2  DG  A "C2'" 1 
ATOM   27  C "C1'" . DG  A 1 2  ? -17.527 -7.105  -5.980  1.00 17.88 ? 2  DG  A "C1'" 1 
ATOM   28  N N9    . DG  A 1 2  ? -16.832 -6.095  -6.763  1.00 15.72 ? 2  DG  A N9    1 
ATOM   29  C C8    . DG  A 1 2  ? -16.795 -4.768  -6.553  1.00 15.30 ? 2  DG  A C8    1 
ATOM   30  N N7    . DG  A 1 2  ? -16.085 -4.116  -7.436  1.00 15.53 ? 2  DG  A N7    1 
ATOM   31  C C5    . DG  A 1 2  ? -15.621 -5.091  -8.291  1.00 13.96 ? 2  DG  A C5    1 
ATOM   32  C C6    . DG  A 1 2  ? -14.815 -4.960  -9.429  1.00 12.91 ? 2  DG  A C6    1 
ATOM   33  O O6    . DG  A 1 2  ? -14.346 -3.922  -9.873  1.00 11.90 ? 2  DG  A O6    1 
ATOM   34  N N1    . DG  A 1 2  ? -14.569 -6.192  -10.049 1.00 12.95 ? 2  DG  A N1    1 
ATOM   35  C C2    . DG  A 1 2  ? -15.051 -7.401  -9.608  1.00 12.34 ? 2  DG  A C2    1 
ATOM   36  N N2    . DG  A 1 2  ? -14.738 -8.485  -10.297 1.00 10.54 ? 2  DG  A N2    1 
ATOM   37  N N3    . DG  A 1 2  ? -15.815 -7.508  -8.516  1.00 13.75 ? 2  DG  A N3    1 
ATOM   38  C C4    . DG  A 1 2  ? -16.067 -6.320  -7.901  1.00 14.61 ? 2  DG  A C4    1 
ATOM   39  P P     . DC  A 1 3  ? -17.776 -9.541  -2.588  1.00 21.82 ? 3  DC  A P     1 
ATOM   40  O OP1   . DC  A 1 3  ? -18.535 -10.705 -2.035  1.00 21.65 ? 3  DC  A OP1   1 
ATOM   41  O OP2   . DC  A 1 3  ? -17.363 -8.451  -1.687  1.00 21.57 ? 3  DC  A OP2   1 
ATOM   42  O "O5'" . DC  A 1 3  ? -16.472 -10.063 -3.348  1.00 20.59 ? 3  DC  A "O5'" 1 
ATOM   43  C "C5'" . DC  A 1 3  ? -16.636 -11.128 -4.199  1.00 20.67 ? 3  DC  A "C5'" 1 
ATOM   44  C "C4'" . DC  A 1 3  ? -15.485 -11.537 -5.066  1.00 20.70 ? 3  DC  A "C4'" 1 
ATOM   45  O "O4'" . DC  A 1 3  ? -15.059 -10.462 -5.906  1.00 18.94 ? 3  DC  A "O4'" 1 
ATOM   46  C "C3'" . DC  A 1 3  ? -14.320 -11.798 -4.206  1.00 21.83 ? 3  DC  A "C3'" 1 
ATOM   47  O "O3'" . DC  A 1 3  ? -13.695 -13.036 -4.545  1.00 24.82 ? 3  DC  A "O3'" 1 
ATOM   48  C "C2'" . DC  A 1 3  ? -13.472 -10.583 -4.388  1.00 20.85 ? 3  DC  A "C2'" 1 
ATOM   49  C "C1'" . DC  A 1 3  ? -13.728 -10.078 -5.764  1.00 18.05 ? 3  DC  A "C1'" 1 
ATOM   50  N N1    . DC  A 1 3  ? -13.504 -8.602  -5.808  1.00 17.98 ? 3  DC  A N1    1 
ATOM   51  C C2    . DC  A 1 3  ? -12.816 -8.008  -6.841  1.00 17.17 ? 3  DC  A C2    1 
ATOM   52  O O2    . DC  A 1 3  ? -12.396 -8.589  -7.816  1.00 18.66 ? 3  DC  A O2    1 
ATOM   53  N N3    . DC  A 1 3  ? -12.590 -6.694  -6.830  1.00 16.33 ? 3  DC  A N3    1 
ATOM   54  C C4    . DC  A 1 3  ? -13.032 -5.906  -5.858  1.00 16.82 ? 3  DC  A C4    1 
ATOM   55  N N4    . DC  A 1 3  ? -12.784 -4.563  -5.929  1.00 18.46 ? 3  DC  A N4    1 
ATOM   56  C C5    . DC  A 1 3  ? -13.756 -6.479  -4.773  1.00 16.65 ? 3  DC  A C5    1 
ATOM   57  C C6    . DC  A 1 3  ? -13.967 -7.807  -4.794  1.00 17.51 ? 3  DC  A C6    1 
ATOM   58  P P     . DA  A 1 4  ? -12.551 -13.680 -3.539  1.00 26.70 ? 4  DA  A P     1 
ATOM   59  O OP1   . DA  A 1 4  ? -12.657 -15.159 -3.498  1.00 26.85 ? 4  DA  A OP1   1 
ATOM   60  O OP2   . DA  A 1 4  ? -12.345 -12.856 -2.312  1.00 26.47 ? 4  DA  A OP2   1 
ATOM   61  O "O5'" . DA  A 1 4  ? -11.404 -13.272 -4.517  1.00 25.72 ? 4  DA  A "O5'" 1 
ATOM   62  C "C5'" . DA  A 1 4  ? -11.516 -13.798 -5.823  1.00 23.18 ? 4  DA  A "C5'" 1 
ATOM   63  C "C4'" . DA  A 1 4  ? -10.219 -13.770 -6.463  1.00 22.43 ? 4  DA  A "C4'" 1 
ATOM   64  O "O4'" . DA  A 1 4  ? -9.900  -12.425 -6.790  1.00 21.44 ? 4  DA  A "O4'" 1 
ATOM   65  C "C3'" . DA  A 1 4  ? -9.120  -14.173 -5.520  1.00 21.90 ? 4  DA  A "C3'" 1 
ATOM   66  O "O3'" . DA  A 1 4  ? -8.281  -14.859 -6.437  1.00 23.94 ? 4  DA  A "O3'" 1 
ATOM   67  C "C2'" . DA  A 1 4  ? -8.656  -12.830 -4.902  1.00 20.02 ? 4  DA  A "C2'" 1 
ATOM   68  C "C1'" . DA  A 1 4  ? -8.861  -11.826 -6.031  1.00 18.53 ? 4  DA  A "C1'" 1 
ATOM   69  N N9    . DA  A 1 4  ? -9.261  -10.486 -5.538  1.00 14.05 ? 4  DA  A N9    1 
ATOM   70  C C8    . DA  A 1 4  ? -9.839  -10.133 -4.340  1.00 14.30 ? 4  DA  A C8    1 
ATOM   71  N N7    . DA  A 1 4  ? -10.050 -8.841  -4.171  1.00 12.40 ? 4  DA  A N7    1 
ATOM   72  C C5    . DA  A 1 4  ? -9.571  -8.296  -5.346  1.00 10.58 ? 4  DA  A C5    1 
ATOM   73  C C6    . DA  A 1 4  ? -9.496  -6.983  -5.779  1.00 10.80 ? 4  DA  A C6    1 
ATOM   74  N N6    . DA  A 1 4  ? -9.941  -5.953  -5.041  1.00 11.79 ? 4  DA  A N6    1 
ATOM   75  N N1    . DA  A 1 4  ? -8.969  -6.769  -6.972  1.00 9.88  ? 4  DA  A N1    1 
ATOM   76  C C2    . DA  A 1 4  ? -8.549  -7.816  -7.662  1.00 9.72  ? 4  DA  A C2    1 
ATOM   77  N N3    . DA  A 1 4  ? -8.556  -9.096  -7.374  1.00 10.30 ? 4  DA  A N3    1 
ATOM   78  C C4    . DA  A 1 4  ? -9.097  -9.277  -6.172  1.00 12.22 ? 4  DA  A C4    1 
ATOM   79  P P     . DA  A 1 5  ? -6.848  -15.353 -6.063  1.00 26.13 ? 5  DA  A P     1 
ATOM   80  O OP1   . DA  A 1 5  ? -6.643  -16.676 -6.668  1.00 26.39 ? 5  DA  A OP1   1 
ATOM   81  O OP2   . DA  A 1 5  ? -6.584  -15.126 -4.592  1.00 26.43 ? 5  DA  A OP2   1 
ATOM   82  O "O5'" . DA  A 1 5  ? -6.016  -14.253 -6.852  1.00 25.62 ? 5  DA  A "O5'" 1 
ATOM   83  C "C5'" . DA  A 1 5  ? -6.076  -14.067 -8.264  1.00 23.72 ? 5  DA  A "C5'" 1 
ATOM   84  C "C4'" . DA  A 1 5  ? -5.203  -12.904 -8.775  1.00 21.00 ? 5  DA  A "C4'" 1 
ATOM   85  O "O4'" . DA  A 1 5  ? -5.581  -11.646 -8.204  1.00 19.33 ? 5  DA  A "O4'" 1 
ATOM   86  C "C3'" . DA  A 1 5  ? -3.774  -13.110 -8.302  1.00 20.63 ? 5  DA  A "C3'" 1 
ATOM   87  O "O3'" . DA  A 1 5  ? -3.015  -12.450 -9.280  1.00 22.90 ? 5  DA  A "O3'" 1 
ATOM   88  C "C2'" . DA  A 1 5  ? -3.724  -12.402 -6.955  1.00 18.14 ? 5  DA  A "C2'" 1 
ATOM   89  C "C1'" . DA  A 1 5  ? -4.529  -11.198 -7.311  1.00 16.32 ? 5  DA  A "C1'" 1 
ATOM   90  N N9    . DA  A 1 5  ? -5.138  -10.507 -6.186  1.00 12.85 ? 5  DA  A N9    1 
ATOM   91  C C8    . DA  A 1 5  ? -5.686  -11.007 -5.075  1.00 11.61 ? 5  DA  A C8    1 
ATOM   92  N N7    . DA  A 1 5  ? -6.151  -10.103 -4.275  1.00 12.11 ? 5  DA  A N7    1 
ATOM   93  C C5    . DA  A 1 5  ? -5.882  -8.901  -4.912  1.00 11.87 ? 5  DA  A C5    1 
ATOM   94  C C6    . DA  A 1 5  ? -6.129  -7.561  -4.564  1.00 11.86 ? 5  DA  A C6    1 
ATOM   95  N N6    . DA  A 1 5  ? -6.731  -7.229  -3.413  1.00 14.18 ? 5  DA  A N6    1 
ATOM   96  N N1    . DA  A 1 5  ? -5.748  -6.598  -5.409  1.00 10.76 ? 5  DA  A N1    1 
ATOM   97  C C2    . DA  A 1 5  ? -5.147  -6.982  -6.540  1.00 10.55 ? 5  DA  A C2    1 
ATOM   98  N N3    . DA  A 1 5  ? -4.862  -8.196  -6.970  1.00 10.74 ? 5  DA  A N3    1 
ATOM   99  C C4    . DA  A 1 5  ? -5.262  -9.134  -6.092  1.00 11.90 ? 5  DA  A C4    1 
ATOM   100 P P     . DA  A 1 6  ? -1.422  -12.611 -9.328  1.00 24.57 ? 6  DA  A P     1 
ATOM   101 O OP1   . DA  A 1 6  ? -1.032  -12.885 -10.729 1.00 25.38 ? 6  DA  A OP1   1 
ATOM   102 O OP2   . DA  A 1 6  ? -0.968  -13.486 -8.225  1.00 24.71 ? 6  DA  A OP2   1 
ATOM   103 O "O5'" . DA  A 1 6  ? -0.992  -11.127 -8.992  1.00 24.49 ? 6  DA  A "O5'" 1 
ATOM   104 C "C5'" . DA  A 1 6  ? -1.305  -10.110 -9.929  1.00 21.83 ? 6  DA  A "C5'" 1 
ATOM   105 C "C4'" . DA  A 1 6  ? -0.800  -8.712  -9.621  1.00 19.55 ? 6  DA  A "C4'" 1 
ATOM   106 O "O4'" . DA  A 1 6  ? -1.440  -8.176  -8.460  1.00 18.84 ? 6  DA  A "O4'" 1 
ATOM   107 C "C3'" . DA  A 1 6  ? 0.664   -8.744  -9.236  1.00 19.76 ? 6  DA  A "C3'" 1 
ATOM   108 O "O3'" . DA  A 1 6  ? 1.289   -7.564  -9.792  1.00 20.00 ? 6  DA  A "O3'" 1 
ATOM   109 C "C2'" . DA  A 1 6  ? 0.603   -8.790  -7.709  1.00 17.58 ? 6  DA  A "C2'" 1 
ATOM   110 C "C1'" . DA  A 1 6  ? -0.552  -7.914  -7.352  1.00 16.25 ? 6  DA  A "C1'" 1 
ATOM   111 N N9    . DA  A 1 6  ? -1.239  -8.261  -6.086  1.00 14.31 ? 6  DA  A N9    1 
ATOM   112 C C8    . DA  A 1 6  ? -1.492  -9.468  -5.488  1.00 13.14 ? 6  DA  A C8    1 
ATOM   113 N N7    . DA  A 1 6  ? -2.156  -9.356  -4.335  1.00 11.78 ? 6  DA  A N7    1 
ATOM   114 C C5    . DA  A 1 6  ? -2.360  -8.012  -4.154  1.00 10.16 ? 6  DA  A C5    1 
ATOM   115 C C6    . DA  A 1 6  ? -2.996  -7.274  -3.141  1.00 9.85  ? 6  DA  A C6    1 
ATOM   116 N N6    . DA  A 1 6  ? -3.576  -7.784  -2.036  1.00 9.91  ? 6  DA  A N6    1 
ATOM   117 N N1    . DA  A 1 6  ? -3.017  -5.963  -3.284  1.00 8.93  ? 6  DA  A N1    1 
ATOM   118 C C2    . DA  A 1 6  ? -2.435  -5.477  -4.359  1.00 11.76 ? 6  DA  A C2    1 
ATOM   119 N N3    . DA  A 1 6  ? -1.796  -6.034  -5.397  1.00 13.72 ? 6  DA  A N3    1 
ATOM   120 C C4    . DA  A 1 6  ? -1.804  -7.346  -5.215  1.00 12.79 ? 6  DA  A C4    1 
ATOM   121 P P     . DT  A 1 7  ? 2.818   -7.260  -9.542  1.00 21.05 ? 7  DT  A P     1 
ATOM   122 O OP1   . DT  A 1 7  ? 3.316   -6.412  -10.651 1.00 21.58 ? 7  DT  A OP1   1 
ATOM   123 O OP2   . DT  A 1 7  ? 3.484   -8.530  -9.194  1.00 19.99 ? 7  DT  A OP2   1 
ATOM   124 O "O5'" . DT  A 1 7  ? 2.762   -6.324  -8.232  1.00 21.05 ? 7  DT  A "O5'" 1 
ATOM   125 C "C5'" . DT  A 1 7  ? 2.458   -4.971  -8.373  1.00 18.81 ? 7  DT  A "C5'" 1 
ATOM   126 C "C4'" . DT  A 1 7  ? 2.359   -4.140  -7.125  1.00 18.47 ? 7  DT  A "C4'" 1 
ATOM   127 O "O4'" . DT  A 1 7  ? 1.396   -4.650  -6.152  1.00 18.49 ? 7  DT  A "O4'" 1 
ATOM   128 C "C3'" . DT  A 1 7  ? 3.678   -4.334  -6.416  1.00 19.28 ? 7  DT  A "C3'" 1 
ATOM   129 O "O3'" . DT  A 1 7  ? 4.129   -3.260  -5.671  1.00 20.19 ? 7  DT  A "O3'" 1 
ATOM   130 C "C2'" . DT  A 1 7  ? 3.373   -5.340  -5.364  1.00 18.70 ? 7  DT  A "C2'" 1 
ATOM   131 C "C1'" . DT  A 1 7  ? 2.041   -4.897  -4.899  1.00 17.25 ? 7  DT  A "C1'" 1 
ATOM   132 N N1    . DT  A 1 7  ? 1.464   -5.917  -3.955  1.00 15.88 ? 7  DT  A N1    1 
ATOM   133 C C2    . DT  A 1 7  ? 0.728   -5.427  -2.875  1.00 15.94 ? 7  DT  A C2    1 
ATOM   134 O O2    . DT  A 1 7  ? 0.482   -4.245  -2.641  1.00 17.35 ? 7  DT  A O2    1 
ATOM   135 N N3    . DT  A 1 7  ? 0.242   -6.345  -1.986  1.00 15.54 ? 7  DT  A N3    1 
ATOM   136 C C4    . DT  A 1 7  ? 0.415   -7.714  -2.070  1.00 13.85 ? 7  DT  A C4    1 
ATOM   137 O O4    . DT  A 1 7  ? -0.138  -8.423  -1.241  1.00 12.14 ? 7  DT  A O4    1 
ATOM   138 C C5    . DT  A 1 7  ? 1.181   -8.140  -3.201  1.00 14.91 ? 7  DT  A C5    1 
ATOM   139 C C7    . DT  A 1 7  ? 1.436   -9.650  -3.398  1.00 16.70 ? 7  DT  A C7    1 
ATOM   140 C C6    . DT  A 1 7  ? 1.670   -7.256  -4.096  1.00 15.29 ? 7  DT  A C6    1 
ATOM   141 P P     . DT  A 1 8  ? 5.072   -2.163  -6.277  1.00 21.36 ? 8  DT  A P     1 
ATOM   142 O OP1   . DT  A 1 8  ? 4.413   -1.363  -7.330  1.00 22.97 ? 8  DT  A OP1   1 
ATOM   143 O OP2   . DT  A 1 8  ? 6.350   -2.783  -6.546  1.00 21.53 ? 8  DT  A OP2   1 
ATOM   144 O "O5'" . DT  A 1 8  ? 5.103   -1.220  -5.001  1.00 22.68 ? 8  DT  A "O5'" 1 
ATOM   145 C "C5'" . DT  A 1 8  ? 3.815   -1.032  -4.456  1.00 21.36 ? 8  DT  A "C5'" 1 
ATOM   146 C "C4'" . DT  A 1 8  ? 3.723   -0.390  -3.114  1.00 22.38 ? 8  DT  A "C4'" 1 
ATOM   147 O "O4'" . DT  A 1 8  ? 3.104   -1.356  -2.274  1.00 22.70 ? 8  DT  A "O4'" 1 
ATOM   148 C "C3'" . DT  A 1 8  ? 5.014   -0.076  -2.408  1.00 22.54 ? 8  DT  A "C3'" 1 
ATOM   149 O "O3'" . DT  A 1 8  ? 4.558   1.047   -1.684  1.00 25.63 ? 8  DT  A "O3'" 1 
ATOM   150 C "C2'" . DT  A 1 8  ? 5.245   -1.333  -1.646  1.00 21.90 ? 8  DT  A "C2'" 1 
ATOM   151 C "C1'" . DT  A 1 8  ? 3.873   -1.729  -1.188  1.00 20.98 ? 8  DT  A "C1'" 1 
ATOM   152 N N1    . DT  A 1 8  ? 3.627   -3.173  -0.913  1.00 20.36 ? 8  DT  A N1    1 
ATOM   153 C C2    . DT  A 1 8  ? 2.749   -3.518  0.098   1.00 19.71 ? 8  DT  A C2    1 
ATOM   154 O O2    . DT  A 1 8  ? 2.136   -2.712  0.776   1.00 22.61 ? 8  DT  A O2    1 
ATOM   155 N N3    . DT  A 1 8  ? 2.571   -4.849  0.364   1.00 19.01 ? 8  DT  A N3    1 
ATOM   156 C C4    . DT  A 1 8  ? 3.197   -5.856  -0.298  1.00 18.35 ? 8  DT  A C4    1 
ATOM   157 O O4    . DT  A 1 8  ? 2.985   -7.018  -0.032  1.00 18.53 ? 8  DT  A O4    1 
ATOM   158 C C5    . DT  A 1 8  ? 4.071   -5.439  -1.311  1.00 18.31 ? 8  DT  A C5    1 
ATOM   159 C C7    . DT  A 1 8  ? 4.776   -6.502  -2.057  1.00 18.11 ? 8  DT  A C7    1 
ATOM   160 C C6    . DT  A 1 8  ? 4.275   -4.154  -1.606  1.00 19.68 ? 8  DT  A C6    1 
ATOM   161 P P     . DT  A 1 9  ? 5.326   2.185   -0.819  1.00 26.00 ? 9  DT  A P     1 
ATOM   162 O OP1   . DT  A 1 9  ? 4.635   3.483   -1.012  1.00 27.31 ? 9  DT  A OP1   1 
ATOM   163 O OP2   . DT  A 1 9  ? 6.758   2.049   -1.049  1.00 27.71 ? 9  DT  A OP2   1 
ATOM   164 O "O5'" . DT  A 1 9  ? 4.991   1.623   0.632   1.00 27.25 ? 9  DT  A "O5'" 1 
ATOM   165 C "C5'" . DT  A 1 9  ? 3.672   1.915   0.982   1.00 27.16 ? 9  DT  A "C5'" 1 
ATOM   166 C "C4'" . DT  A 1 9  ? 3.407   1.740   2.404   1.00 28.59 ? 9  DT  A "C4'" 1 
ATOM   167 O "O4'" . DT  A 1 9  ? 3.376   0.345   2.779   1.00 28.66 ? 9  DT  A "O4'" 1 
ATOM   168 C "C3'" . DT  A 1 9  ? 4.561   2.286   3.140   1.00 29.30 ? 9  DT  A "C3'" 1 
ATOM   169 O "O3'" . DT  A 1 9  ? 3.923   2.990   4.173   1.00 32.15 ? 9  DT  A "O3'" 1 
ATOM   170 C "C2'" . DT  A 1 9  ? 5.381   1.045   3.468   1.00 28.48 ? 9  DT  A "C2'" 1 
ATOM   171 C "C1'" . DT  A 1 9  ? 4.378   -0.067  3.672   1.00 27.10 ? 9  DT  A "C1'" 1 
ATOM   172 N N1    . DT  A 1 9  ? 4.767   -1.430  3.248   1.00 25.83 ? 9  DT  A N1    1 
ATOM   173 C C2    . DT  A 1 9  ? 4.150   -2.525  3.865   1.00 25.77 ? 9  DT  A C2    1 
ATOM   174 O O2    . DT  A 1 9  ? 3.288   -2.446  4.725   1.00 27.04 ? 9  DT  A O2    1 
ATOM   175 N N3    . DT  A 1 9  ? 4.525   -3.795  3.479   1.00 24.82 ? 9  DT  A N3    1 
ATOM   176 C C4    . DT  A 1 9  ? 5.462   -4.054  2.518   1.00 25.62 ? 9  DT  A C4    1 
ATOM   177 O O4    . DT  A 1 9  ? 5.725   -5.211  2.244   1.00 26.54 ? 9  DT  A O4    1 
ATOM   178 C C5    . DT  A 1 9  ? 6.076   -2.896  1.906   1.00 25.80 ? 9  DT  A C5    1 
ATOM   179 C C7    . DT  A 1 9  ? 7.130   -3.129  0.835   1.00 24.85 ? 9  DT  A C7    1 
ATOM   180 C C6    . DT  A 1 9  ? 5.715   -1.639  2.276   1.00 26.06 ? 9  DT  A C6    1 
ATOM   181 P P     . DG  A 1 10 ? 4.787   3.835   5.198   1.00 33.95 ? 10 DG  A P     1 
ATOM   182 O OP1   . DG  A 1 10 ? 4.117   5.141   5.402   1.00 33.59 ? 10 DG  A OP1   1 
ATOM   183 O OP2   . DG  A 1 10 ? 6.233   3.754   4.839   1.00 33.23 ? 10 DG  A OP2   1 
ATOM   184 O "O5'" . DG  A 1 10 ? 4.617   2.934   6.504   1.00 33.22 ? 10 DG  A "O5'" 1 
ATOM   185 C "C5'" . DG  A 1 10 ? 3.386   2.481   7.056   1.00 31.16 ? 10 DG  A "C5'" 1 
ATOM   186 C "C4'" . DG  A 1 10 ? 3.609   1.441   8.170   1.00 30.70 ? 10 DG  A "C4'" 1 
ATOM   187 O "O4'" . DG  A 1 10 ? 4.069   0.141   7.684   1.00 29.59 ? 10 DG  A "O4'" 1 
ATOM   188 C "C3'" . DG  A 1 10 ? 4.779   1.903   9.068   1.00 31.29 ? 10 DG  A "C3'" 1 
ATOM   189 O "O3'" . DG  A 1 10 ? 4.487   1.307   10.308  1.00 34.38 ? 10 DG  A "O3'" 1 
ATOM   190 C "C2'" . DG  A 1 10 ? 5.980   1.195   8.407   1.00 29.10 ? 10 DG  A "C2'" 1 
ATOM   191 C "C1'" . DG  A 1 10 ? 5.375   -0.170  8.123   1.00 26.67 ? 10 DG  A "C1'" 1 
ATOM   192 N N9    . DG  A 1 10 ? 6.154   -0.941  7.125   1.00 24.58 ? 10 DG  A N9    1 
ATOM   193 C C8    . DG  A 1 10 ? 7.034   -0.490  6.173   1.00 23.19 ? 10 DG  A C8    1 
ATOM   194 N N7    . DG  A 1 10 ? 7.600   -1.419  5.457   1.00 21.90 ? 10 DG  A N7    1 
ATOM   195 C C5    . DG  A 1 10 ? 7.059   -2.579  5.965   1.00 22.13 ? 10 DG  A C5    1 
ATOM   196 C C6    . DG  A 1 10 ? 7.299   -3.903  5.571   1.00 21.21 ? 10 DG  A C6    1 
ATOM   197 O O6    . DG  A 1 10 ? 8.041   -4.267  4.673   1.00 21.82 ? 10 DG  A O6    1 
ATOM   198 N N1    . DG  A 1 10 ? 6.565   -4.828  6.316   1.00 21.06 ? 10 DG  A N1    1 
ATOM   199 C C2    . DG  A 1 10 ? 5.699   -4.500  7.330   1.00 19.81 ? 10 DG  A C2    1 
ATOM   200 N N2    . DG  A 1 10 ? 5.086   -5.478  7.954   1.00 18.42 ? 10 DG  A N2    1 
ATOM   201 N N3    . DG  A 1 10 ? 5.455   -3.241  7.716   1.00 21.63 ? 10 DG  A N3    1 
ATOM   202 C C4    . DG  A 1 10 ? 6.171   -2.319  6.988   1.00 23.26 ? 10 DG  A C4    1 
ATOM   203 P P     . DC  A 1 11 ? 4.483   1.803   11.802  1.00 36.74 ? 11 DC  A P     1 
ATOM   204 O OP1   . DC  A 1 11 ? 3.263   2.620   12.044  1.00 35.81 ? 11 DC  A OP1   1 
ATOM   205 O OP2   . DC  A 1 11 ? 5.854   2.210   12.205  1.00 36.68 ? 11 DC  A OP2   1 
ATOM   206 O "O5'" . DC  A 1 11 ? 4.303   0.353   12.358  1.00 35.84 ? 11 DC  A "O5'" 1 
ATOM   207 C "C5'" . DC  A 1 11 ? 3.060   -0.239  12.038  1.00 34.17 ? 11 DC  A "C5'" 1 
ATOM   208 C "C4'" . DC  A 1 11 ? 3.014   -1.694  12.351  1.00 32.93 ? 11 DC  A "C4'" 1 
ATOM   209 O "O4'" . DC  A 1 11 ? 3.892   -2.464  11.480  1.00 31.59 ? 11 DC  A "O4'" 1 
ATOM   210 C "C3'" . DC  A 1 11 ? 3.566   -1.891  13.758  1.00 32.52 ? 11 DC  A "C3'" 1 
ATOM   211 O "O3'" . DC  A 1 11 ? 2.763   -2.940  14.276  1.00 34.31 ? 11 DC  A "O3'" 1 
ATOM   212 C "C2'" . DC  A 1 11 ? 5.051   -2.217  13.533  1.00 30.59 ? 11 DC  A "C2'" 1 
ATOM   213 C "C1'" . DC  A 1 11 ? 5.028   -2.998  12.220  1.00 28.84 ? 11 DC  A "C1'" 1 
ATOM   214 N N1    . DC  A 1 11 ? 6.249   -2.816  11.388  1.00 25.46 ? 11 DC  A N1    1 
ATOM   215 C C2    . DC  A 1 11 ? 6.761   -3.936  10.780  1.00 23.72 ? 11 DC  A C2    1 
ATOM   216 O O2    . DC  A 1 11 ? 6.238   -5.030  10.939  1.00 22.19 ? 11 DC  A O2    1 
ATOM   217 N N3    . DC  A 1 11 ? 7.877   -3.819  10.013  1.00 22.85 ? 11 DC  A N3    1 
ATOM   218 C C4    . DC  A 1 11 ? 8.507   -2.641  9.834   1.00 23.71 ? 11 DC  A C4    1 
ATOM   219 N N4    . DC  A 1 11 ? 9.612   -2.590  9.063   1.00 21.98 ? 11 DC  A N4    1 
ATOM   220 C C5    . DC  A 1 11 ? 7.982   -1.454  10.469  1.00 24.28 ? 11 DC  A C5    1 
ATOM   221 C C6    . DC  A 1 11 ? 6.861   -1.596  11.228  1.00 25.43 ? 11 DC  A C6    1 
ATOM   222 P P     . DG  A 1 12 ? 2.806   -3.319  15.797  1.00 36.29 ? 12 DG  A P     1 
ATOM   223 O OP1   . DG  A 1 12 ? 1.486   -3.867  16.222  1.00 35.19 ? 12 DG  A OP1   1 
ATOM   224 O OP2   . DG  A 1 12 ? 3.478   -2.189  16.530  1.00 36.50 ? 12 DG  A OP2   1 
ATOM   225 O "O5'" . DG  A 1 12 ? 3.872   -4.536  15.815  1.00 34.43 ? 12 DG  A "O5'" 1 
ATOM   226 C "C5'" . DG  A 1 12 ? 3.581   -5.840  15.357  1.00 31.75 ? 12 DG  A "C5'" 1 
ATOM   227 C "C4'" . DG  A 1 12 ? 4.690   -6.911  15.525  1.00 30.04 ? 12 DG  A "C4'" 1 
ATOM   228 O "O4'" . DG  A 1 12 ? 5.872   -6.788  14.699  1.00 28.25 ? 12 DG  A "O4'" 1 
ATOM   229 C "C3'" . DG  A 1 12 ? 5.204   -6.763  16.968  1.00 29.19 ? 12 DG  A "C3'" 1 
ATOM   230 O "O3'" . DG  A 1 12 ? 5.613   -8.053  17.416  1.00 30.24 ? 12 DG  A "O3'" 1 
ATOM   231 C "C2'" . DG  A 1 12 ? 6.364   -5.840  16.791  1.00 27.07 ? 12 DG  A "C2'" 1 
ATOM   232 C "C1'" . DG  A 1 12 ? 6.951   -6.443  15.535  1.00 26.40 ? 12 DG  A "C1'" 1 
ATOM   233 N N9    . DG  A 1 12 ? 7.836   -5.554  14.836  1.00 24.63 ? 12 DG  A N9    1 
ATOM   234 C C8    . DG  A 1 12 ? 7.873   -4.228  15.019  1.00 23.98 ? 12 DG  A C8    1 
ATOM   235 N N7    . DG  A 1 12 ? 8.719   -3.627  14.261  1.00 24.08 ? 12 DG  A N7    1 
ATOM   236 C C5    . DG  A 1 12 ? 9.321   -4.642  13.521  1.00 23.55 ? 12 DG  A C5    1 
ATOM   237 C C6    . DG  A 1 12 ? 10.344  -4.530  12.542  1.00 23.07 ? 12 DG  A C6    1 
ATOM   238 O O6    . DG  A 1 12 ? 10.901  -3.498  12.168  1.00 23.91 ? 12 DG  A O6    1 
ATOM   239 N N1    . DG  A 1 12 ? 10.675  -5.751  12.024  1.00 21.93 ? 12 DG  A N1    1 
ATOM   240 C C2    . DG  A 1 12 ? 10.095  -6.934  12.386  1.00 21.49 ? 12 DG  A C2    1 
ATOM   241 N N2    . DG  A 1 12 ? 10.551  -7.998  11.771  1.00 22.20 ? 12 DG  A N2    1 
ATOM   242 N N3    . DG  A 1 12 ? 9.133   -7.072  13.301  1.00 22.22 ? 12 DG  A N3    1 
ATOM   243 C C4    . DG  A 1 12 ? 8.785   -5.860  13.847  1.00 23.93 ? 12 DG  A C4    1 
ATOM   244 O "O5'" . DC  B 1 1  ? 18.358  -8.966  6.343   1.00 35.82 ? 13 DC  B "O5'" 1 
ATOM   245 C "C5'" . DC  B 1 1  ? 17.564  -8.392  7.380   1.00 33.22 ? 13 DC  B "C5'" 1 
ATOM   246 C "C4'" . DC  B 1 1  ? 16.285  -9.185  7.480   1.00 32.22 ? 13 DC  B "C4'" 1 
ATOM   247 O "O4'" . DC  B 1 1  ? 15.427  -8.662  8.466   1.00 31.84 ? 13 DC  B "O4'" 1 
ATOM   248 C "C3'" . DC  B 1 1  ? 15.508  -9.052  6.210   1.00 32.30 ? 13 DC  B "C3'" 1 
ATOM   249 O "O3'" . DC  B 1 1  ? 14.627  -10.106 6.259   1.00 32.94 ? 13 DC  B "O3'" 1 
ATOM   250 C "C2'" . DC  B 1 1  ? 14.741  -7.793  6.411   1.00 31.89 ? 13 DC  B "C2'" 1 
ATOM   251 C "C1'" . DC  B 1 1  ? 14.317  -8.013  7.851   1.00 31.18 ? 13 DC  B "C1'" 1 
ATOM   252 N N1    . DC  B 1 1  ? 14.027  -6.766  8.582   1.00 30.16 ? 13 DC  B N1    1 
ATOM   253 C C2    . DC  B 1 1  ? 13.034  -6.790  9.487   1.00 28.81 ? 13 DC  B C2    1 
ATOM   254 O O2    . DC  B 1 1  ? 12.429  -7.825  9.670   1.00 28.07 ? 13 DC  B O2    1 
ATOM   255 N N3    . DC  B 1 1  ? 12.757  -5.665  10.180  1.00 28.92 ? 13 DC  B N3    1 
ATOM   256 C C4    . DC  B 1 1  ? 13.447  -4.545  9.973   1.00 29.63 ? 13 DC  B C4    1 
ATOM   257 N N4    . DC  B 1 1  ? 13.197  -3.426  10.622  1.00 30.30 ? 13 DC  B N4    1 
ATOM   258 C C5    . DC  B 1 1  ? 14.489  -4.501  9.032   1.00 30.41 ? 13 DC  B C5    1 
ATOM   259 C C6    . DC  B 1 1  ? 14.737  -5.637  8.357   1.00 31.02 ? 13 DC  B C6    1 
ATOM   260 P P     . DG  B 1 2  ? 14.532  -11.168 5.098   1.00 34.38 ? 14 DG  B P     1 
ATOM   261 O OP1   . DG  B 1 2  ? 15.785  -11.973 5.112   1.00 34.06 ? 14 DG  B OP1   1 
ATOM   262 O OP2   . DG  B 1 2  ? 14.002  -10.519 3.850   1.00 33.04 ? 14 DG  B OP2   1 
ATOM   263 O "O5'" . DG  B 1 2  ? 13.389  -12.019 5.728   1.00 31.92 ? 14 DG  B "O5'" 1 
ATOM   264 C "C5'" . DG  B 1 2  ? 13.459  -12.475 7.051   1.00 28.53 ? 14 DG  B "C5'" 1 
ATOM   265 C "C4'" . DG  B 1 2  ? 12.083  -12.697 7.590   1.00 26.66 ? 14 DG  B "C4'" 1 
ATOM   266 O "O4'" . DG  B 1 2  ? 11.622  -11.486 8.167   1.00 25.87 ? 14 DG  B "O4'" 1 
ATOM   267 C "C3'" . DG  B 1 2  ? 11.115  -12.964 6.488   1.00 25.76 ? 14 DG  B "C3'" 1 
ATOM   268 O "O3'" . DG  B 1 2  ? 10.126  -13.850 6.889   1.00 26.59 ? 14 DG  B "O3'" 1 
ATOM   269 C "C2'" . DG  B 1 2  ? 10.532  -11.645 6.211   1.00 25.85 ? 14 DG  B "C2'" 1 
ATOM   270 C "C1'" . DG  B 1 2  ? 10.486  -10.934 7.538   1.00 25.73 ? 14 DG  B "C1'" 1 
ATOM   271 N N9    . DG  B 1 2  ? 10.552  -9.456  7.285   1.00 25.31 ? 14 DG  B N9    1 
ATOM   272 C C8    . DG  B 1 2  ? 11.311  -8.827  6.354   1.00 24.39 ? 14 DG  B C8    1 
ATOM   273 N N7    . DG  B 1 2  ? 11.146  -7.543  6.310   1.00 24.87 ? 14 DG  B N7    1 
ATOM   274 C C5    . DG  B 1 2  ? 10.208  -7.277  7.281   1.00 24.09 ? 14 DG  B C5    1 
ATOM   275 C C6    . DG  B 1 2  ? 9.664   -6.026  7.662   1.00 23.90 ? 14 DG  B C6    1 
ATOM   276 O O6    . DG  B 1 2  ? 9.928   -4.888  7.225   1.00 24.06 ? 14 DG  B O6    1 
ATOM   277 N N1    . DG  B 1 2  ? 8.752   -6.193  8.675   1.00 23.08 ? 14 DG  B N1    1 
ATOM   278 C C2    . DG  B 1 2  ? 8.402   -7.377  9.249   1.00 21.87 ? 14 DG  B C2    1 
ATOM   279 N N2    . DG  B 1 2  ? 7.500   -7.319  10.220  1.00 20.02 ? 14 DG  B N2    1 
ATOM   280 N N3    . DG  B 1 2  ? 8.915   -8.557  8.892   1.00 23.25 ? 14 DG  B N3    1 
ATOM   281 C C4    . DG  B 1 2  ? 9.822   -8.434  7.896   1.00 24.34 ? 14 DG  B C4    1 
ATOM   282 P P     . DC  B 1 3  ? 9.031   -14.541 5.894   1.00 27.88 ? 15 DC  B P     1 
ATOM   283 O OP1   . DC  B 1 3  ? 8.880   -15.953 6.336   1.00 28.01 ? 15 DC  B OP1   1 
ATOM   284 O OP2   . DC  B 1 3  ? 9.272   -14.245 4.447   1.00 27.26 ? 15 DC  B OP2   1 
ATOM   285 O "O5'" . DC  B 1 3  ? 7.705   -13.744 6.335   1.00 26.37 ? 15 DC  B "O5'" 1 
ATOM   286 C "C5'" . DC  B 1 3  ? 7.363   -13.896 7.695   1.00 22.94 ? 15 DC  B "C5'" 1 
ATOM   287 C "C4'" . DC  B 1 3  ? 6.274   -13.006 8.195   1.00 21.60 ? 15 DC  B "C4'" 1 
ATOM   288 O "O4'" . DC  B 1 3  ? 6.632   -11.618 8.054   1.00 19.12 ? 15 DC  B "O4'" 1 
ATOM   289 C "C3'" . DC  B 1 3  ? 5.108   -13.167 7.287   1.00 22.61 ? 15 DC  B "C3'" 1 
ATOM   290 O "O3'" . DC  B 1 3  ? 3.865   -13.182 7.976   1.00 23.95 ? 15 DC  B "O3'" 1 
ATOM   291 C "C2'" . DC  B 1 3  ? 5.217   -11.946 6.394   1.00 22.40 ? 15 DC  B "C2'" 1 
ATOM   292 C "C1'" . DC  B 1 3  ? 5.765   -10.872 7.242   1.00 19.61 ? 15 DC  B "C1'" 1 
ATOM   293 N N1    . DC  B 1 3  ? 6.468   -9.905  6.411   1.00 18.69 ? 15 DC  B N1    1 
ATOM   294 C C2    . DC  B 1 3  ? 6.180   -8.565  6.583   1.00 18.91 ? 15 DC  B C2    1 
ATOM   295 O O2    . DC  B 1 3  ? 5.389   -8.165  7.429   1.00 19.29 ? 15 DC  B O2    1 
ATOM   296 N N3    . DC  B 1 3  ? 6.809   -7.649  5.798   1.00 18.32 ? 15 DC  B N3    1 
ATOM   297 C C4    . DC  B 1 3  ? 7.690   -8.021  4.886   1.00 18.15 ? 15 DC  B C4    1 
ATOM   298 N N4    . DC  B 1 3  ? 8.281   -7.064  4.150   1.00 20.02 ? 15 DC  B N4    1 
ATOM   299 C C5    . DC  B 1 3  ? 8.002   -9.385  4.698   1.00 17.56 ? 15 DC  B C5    1 
ATOM   300 C C6    . DC  B 1 3  ? 7.369   -10.286 5.480   1.00 18.72 ? 15 DC  B C6    1 
ATOM   301 P P     . DA  B 1 4  ? 2.642   -13.935 7.224   1.00 23.08 ? 16 DA  B P     1 
ATOM   302 O OP1   . DA  B 1 4  ? 2.236   -15.150 7.961   1.00 22.19 ? 16 DA  B OP1   1 
ATOM   303 O OP2   . DA  B 1 4  ? 2.895   -13.940 5.779   1.00 22.20 ? 16 DA  B OP2   1 
ATOM   304 O "O5'" . DA  B 1 4  ? 1.562   -12.859 7.480   1.00 22.27 ? 16 DA  B "O5'" 1 
ATOM   305 C "C5'" . DA  B 1 4  ? 1.387   -12.604 8.863   1.00 21.86 ? 16 DA  B "C5'" 1 
ATOM   306 C "C4'" . DA  B 1 4  ? 0.761   -11.270 9.065   1.00 21.20 ? 16 DA  B "C4'" 1 
ATOM   307 O "O4'" . DA  B 1 4  ? 1.497   -10.305 8.357   1.00 20.18 ? 16 DA  B "O4'" 1 
ATOM   308 C "C3'" . DA  B 1 4  ? -0.600  -11.199 8.447   1.00 22.16 ? 16 DA  B "C3'" 1 
ATOM   309 O "O3'" . DA  B 1 4  ? -1.261  -10.232 9.258   1.00 24.10 ? 16 DA  B "O3'" 1 
ATOM   310 C "C2'" . DA  B 1 4  ? -0.308  -10.766 7.019   1.00 20.42 ? 16 DA  B "C2'" 1 
ATOM   311 C "C1'" . DA  B 1 4  ? 0.803   -9.797  7.235   1.00 18.13 ? 16 DA  B "C1'" 1 
ATOM   312 N N9    . DA  B 1 4  ? 1.769   -9.597  6.110   1.00 15.55 ? 16 DA  B N9    1 
ATOM   313 C C8    . DA  B 1 4  ? 2.263   -10.487 5.199   1.00 14.45 ? 16 DA  B C8    1 
ATOM   314 N N7    . DA  B 1 4  ? 3.081   -9.983  4.331   1.00 14.16 ? 16 DA  B N7    1 
ATOM   315 C C5    . DA  B 1 4  ? 3.131   -8.623  4.713   1.00 13.96 ? 16 DA  B C5    1 
ATOM   316 C C6    . DA  B 1 4  ? 3.818   -7.499  4.222   1.00 13.33 ? 16 DA  B C6    1 
ATOM   317 N N6    . DA  B 1 4  ? 4.641   -7.600  3.177   1.00 15.25 ? 16 DA  B N6    1 
ATOM   318 N N1    . DA  B 1 4  ? 3.657   -6.300  4.825   1.00 13.44 ? 16 DA  B N1    1 
ATOM   319 C C2    . DA  B 1 4  ? 2.865   -6.208  5.868   1.00 12.61 ? 16 DA  B C2    1 
ATOM   320 N N3    . DA  B 1 4  ? 2.190   -7.192  6.392   1.00 14.16 ? 16 DA  B N3    1 
ATOM   321 C C4    . DA  B 1 4  ? 2.346   -8.391  5.786   1.00 14.24 ? 16 DA  B C4    1 
ATOM   322 P P     . DA  B 1 5  ? -2.837  -10.037 9.123   1.00 26.17 ? 17 DA  B P     1 
ATOM   323 O OP1   . DA  B 1 5  ? -3.456  -9.941  10.472  1.00 26.42 ? 17 DA  B OP1   1 
ATOM   324 O OP2   . DA  B 1 5  ? -3.311  -11.039 8.146   1.00 24.51 ? 17 DA  B OP2   1 
ATOM   325 O "O5'" . DA  B 1 5  ? -2.826  -8.547  8.535   1.00 24.51 ? 17 DA  B "O5'" 1 
ATOM   326 C "C5'" . DA  B 1 5  ? -2.285  -7.591  9.437   1.00 24.28 ? 17 DA  B "C5'" 1 
ATOM   327 C "C4'" . DA  B 1 5  ? -2.138  -6.202  8.908   1.00 23.54 ? 17 DA  B "C4'" 1 
ATOM   328 O "O4'" . DA  B 1 5  ? -1.242  -6.067  7.807   1.00 21.73 ? 17 DA  B "O4'" 1 
ATOM   329 C "C3'" . DA  B 1 5  ? -3.432  -5.863  8.382   1.00 25.47 ? 17 DA  B "C3'" 1 
ATOM   330 O "O3'" . DA  B 1 5  ? -3.534  -4.469  8.720   1.00 27.65 ? 17 DA  B "O3'" 1 
ATOM   331 C "C2'" . DA  B 1 5  ? -3.269  -6.281  6.883   1.00 24.02 ? 17 DA  B "C2'" 1 
ATOM   332 C "C1'" . DA  B 1 5  ? -1.857  -5.907  6.557   1.00 20.93 ? 17 DA  B "C1'" 1 
ATOM   333 N N9    . DA  B 1 5  ? -1.317  -6.781  5.478   1.00 17.69 ? 17 DA  B N9    1 
ATOM   334 C C8    . DA  B 1 5  ? -1.473  -8.088  5.130   1.00 16.77 ? 17 DA  B C8    1 
ATOM   335 N N7    . DA  B 1 5  ? -0.820  -8.464  4.060   1.00 16.38 ? 17 DA  B N7    1 
ATOM   336 C C5    . DA  B 1 5  ? -0.184  -7.300  3.676   1.00 16.19 ? 17 DA  B C5    1 
ATOM   337 C C6    . DA  B 1 5  ? 0.668   -6.988  2.613   1.00 16.92 ? 17 DA  B C6    1 
ATOM   338 N N6    . DA  B 1 5  ? 1.089   -7.850  1.690   1.00 17.04 ? 17 DA  B N6    1 
ATOM   339 N N1    . DA  B 1 5  ? 1.097   -5.746  2.543   1.00 17.48 ? 17 DA  B N1    1 
ATOM   340 C C2    . DA  B 1 5  ? 0.709   -4.878  3.463   1.00 18.24 ? 17 DA  B C2    1 
ATOM   341 N N3    . DA  B 1 5  ? -0.083  -5.036  4.512   1.00 17.34 ? 17 DA  B N3    1 
ATOM   342 C C4    . DA  B 1 5  ? -0.492  -6.299  4.542   1.00 16.96 ? 17 DA  B C4    1 
ATOM   343 P P     . DA  B 1 6  ? -4.986  -3.817  8.601   1.00 27.43 ? 18 DA  B P     1 
ATOM   344 O OP1   . DA  B 1 6  ? -5.193  -2.841  9.696   1.00 27.46 ? 18 DA  B OP1   1 
ATOM   345 O OP2   . DA  B 1 6  ? -5.950  -4.942  8.345   1.00 27.57 ? 18 DA  B OP2   1 
ATOM   346 O "O5'" . DA  B 1 6  ? -4.704  -2.984  7.252   1.00 27.18 ? 18 DA  B "O5'" 1 
ATOM   347 C "C5'" . DA  B 1 6  ? -3.586  -2.091  7.289   1.00 24.51 ? 18 DA  B "C5'" 1 
ATOM   348 C "C4'" . DA  B 1 6  ? -3.247  -1.320  6.024   1.00 23.00 ? 18 DA  B "C4'" 1 
ATOM   349 O "O4'" . DA  B 1 6  ? -2.613  -2.165  5.042   1.00 19.15 ? 18 DA  B "O4'" 1 
ATOM   350 C "C3'" . DA  B 1 6  ? -4.554  -0.843  5.356   1.00 23.07 ? 18 DA  B "C3'" 1 
ATOM   351 O "O3'" . DA  B 1 6  ? -4.299  0.422   4.750   1.00 27.40 ? 18 DA  B "O3'" 1 
ATOM   352 C "C2'" . DA  B 1 6  ? -4.755  -1.944  4.350   1.00 20.17 ? 18 DA  B "C2'" 1 
ATOM   353 C "C1'" . DA  B 1 6  ? -3.375  -2.284  3.875   1.00 16.91 ? 18 DA  B "C1'" 1 
ATOM   354 N N9    . DA  B 1 6  ? -3.306  -3.645  3.310   1.00 13.15 ? 18 DA  B N9    1 
ATOM   355 C C8    . DA  B 1 6  ? -3.955  -4.776  3.723   1.00 11.98 ? 18 DA  B C8    1 
ATOM   356 N N7    . DA  B 1 6  ? -3.703  -5.821  2.982   1.00 10.52 ? 18 DA  B N7    1 
ATOM   357 C C5    . DA  B 1 6  ? -2.824  -5.354  2.012   1.00 8.83  ? 18 DA  B C5    1 
ATOM   358 C C6    . DA  B 1 6  ? -2.192  -5.987  0.950   1.00 8.14  ? 18 DA  B C6    1 
ATOM   359 N N6    . DA  B 1 6  ? -2.339  -7.285  0.659   1.00 5.53  ? 18 DA  B N6    1 
ATOM   360 N N1    . DA  B 1 6  ? -1.386  -5.239  0.185   1.00 8.26  ? 18 DA  B N1    1 
ATOM   361 C C2    . DA  B 1 6  ? -1.240  -3.952  0.476   1.00 8.89  ? 18 DA  B C2    1 
ATOM   362 N N3    . DA  B 1 6  ? -1.775  -3.231  1.453   1.00 10.47 ? 18 DA  B N3    1 
ATOM   363 C C4    . DA  B 1 6  ? -2.576  -4.027  2.202   1.00 10.31 ? 18 DA  B C4    1 
ATOM   364 P P     . DT  B 1 7  ? -5.382  1.308   3.991   1.00 30.37 ? 19 DT  B P     1 
ATOM   365 O OP1   . DT  B 1 7  ? -5.013  2.722   4.188   1.00 30.86 ? 19 DT  B OP1   1 
ATOM   366 O OP2   . DT  B 1 7  ? -6.767  0.820   4.319   1.00 30.51 ? 19 DT  B OP2   1 
ATOM   367 O "O5'" . DT  B 1 7  ? -5.090  0.956   2.484   1.00 29.29 ? 19 DT  B "O5'" 1 
ATOM   368 C "C5'" . DT  B 1 7  ? -3.913  1.554   2.048   1.00 26.72 ? 19 DT  B "C5'" 1 
ATOM   369 C "C4'" . DT  B 1 7  ? -3.523  1.182   0.668   1.00 25.61 ? 19 DT  B "C4'" 1 
ATOM   370 O "O4'" . DT  B 1 7  ? -3.374  -0.250  0.515   1.00 24.71 ? 19 DT  B "O4'" 1 
ATOM   371 C "C3'" . DT  B 1 7  ? -4.699  1.589   -0.208  1.00 24.90 ? 19 DT  B "C3'" 1 
ATOM   372 O "O3'" . DT  B 1 7  ? -4.184  1.974   -1.446  1.00 24.87 ? 19 DT  B "O3'" 1 
ATOM   373 C "C2'" . DT  B 1 7  ? -5.433  0.281   -0.301  1.00 24.53 ? 19 DT  B "C2'" 1 
ATOM   374 C "C1'" . DT  B 1 7  ? -4.295  -0.668  -0.444  1.00 22.98 ? 19 DT  B "C1'" 1 
ATOM   375 N N1    . DT  B 1 7  ? -4.700  -2.111  -0.358  1.00 22.02 ? 19 DT  B N1    1 
ATOM   376 C C2    . DT  B 1 7  ? -4.095  -2.886  -1.305  1.00 21.73 ? 19 DT  B C2    1 
ATOM   377 O O2    . DT  B 1 7  ? -3.267  -2.434  -2.096  1.00 24.31 ? 19 DT  B O2    1 
ATOM   378 N N3    . DT  B 1 7  ? -4.419  -4.221  -1.357  1.00 21.19 ? 19 DT  B N3    1 
ATOM   379 C C4    . DT  B 1 7  ? -5.300  -4.876  -0.558  1.00 20.11 ? 19 DT  B C4    1 
ATOM   380 O O4    . DT  B 1 7  ? -5.461  -6.092  -0.737  1.00 18.44 ? 19 DT  B O4    1 
ATOM   381 C C5    . DT  B 1 7  ? -5.909  -4.000  0.419   1.00 20.03 ? 19 DT  B C5    1 
ATOM   382 C C7    . DT  B 1 7  ? -6.927  -4.572  1.381   1.00 19.36 ? 19 DT  B C7    1 
ATOM   383 C C6    . DT  B 1 7  ? -5.603  -2.676  0.502   1.00 20.49 ? 19 DT  B C6    1 
ATOM   384 P P     . DT  B 1 8  ? -4.756  3.209   -2.317  1.00 27.15 ? 20 DT  B P     1 
ATOM   385 O OP1   . DT  B 1 8  ? -4.064  4.482   -1.999  1.00 26.56 ? 20 DT  B OP1   1 
ATOM   386 O OP2   . DT  B 1 8  ? -6.244  3.169   -2.374  1.00 27.31 ? 20 DT  B OP2   1 
ATOM   387 O "O5'" . DT  B 1 8  ? -4.126  2.757   -3.727  1.00 25.46 ? 20 DT  B "O5'" 1 
ATOM   388 C "C5'" . DT  B 1 8  ? -3.552  1.480   -3.835  1.00 24.77 ? 20 DT  B "C5'" 1 
ATOM   389 C "C4'" . DT  B 1 8  ? -3.165  1.131   -5.188  1.00 24.24 ? 20 DT  B "C4'" 1 
ATOM   390 O "O4'" . DT  B 1 8  ? -3.288  -0.292  -5.226  1.00 23.36 ? 20 DT  B "O4'" 1 
ATOM   391 C "C3'" . DT  B 1 8  ? -4.069  1.664   -6.229  1.00 25.43 ? 20 DT  B "C3'" 1 
ATOM   392 O "O3'" . DT  B 1 8  ? -3.286  1.692   -7.412  1.00 28.56 ? 20 DT  B "O3'" 1 
ATOM   393 C "C2'" . DT  B 1 8  ? -5.141  0.623   -6.224  1.00 23.32 ? 20 DT  B "C2'" 1 
ATOM   394 C "C1'" . DT  B 1 8  ? -4.409  -0.651  -5.956  1.00 21.64 ? 20 DT  B "C1'" 1 
ATOM   395 N N1    . DT  B 1 8  ? -5.186  -1.564  -5.167  1.00 19.54 ? 20 DT  B N1    1 
ATOM   396 C C2    . DT  B 1 8  ? -5.025  -2.876  -5.465  1.00 19.00 ? 20 DT  B C2    1 
ATOM   397 O O2    . DT  B 1 8  ? -4.239  -3.280  -6.327  1.00 20.00 ? 20 DT  B O2    1 
ATOM   398 N N3    . DT  B 1 8  ? -5.785  -3.752  -4.726  1.00 19.74 ? 20 DT  B N3    1 
ATOM   399 C C4    . DT  B 1 8  ? -6.679  -3.415  -3.716  1.00 20.02 ? 20 DT  B C4    1 
ATOM   400 O O4    . DT  B 1 8  ? -7.313  -4.260  -3.092  1.00 21.76 ? 20 DT  B O4    1 
ATOM   401 C C5    . DT  B 1 8  ? -6.775  -2.026  -3.474  1.00 19.91 ? 20 DT  B C5    1 
ATOM   402 C C7    . DT  B 1 8  ? -7.714  -1.586  -2.387  1.00 18.06 ? 20 DT  B C7    1 
ATOM   403 C C6    . DT  B 1 8  ? -6.037  -1.146  -4.189  1.00 19.78 ? 20 DT  B C6    1 
ATOM   404 P P     . DT  B 1 9  ? -3.961  2.187   -8.770  1.00 30.66 ? 21 DT  B P     1 
ATOM   405 O OP1   . DT  B 1 9  ? -2.901  2.865   -9.567  1.00 31.17 ? 21 DT  B OP1   1 
ATOM   406 O OP2   . DT  B 1 9  ? -5.234  2.880   -8.453  1.00 30.64 ? 21 DT  B OP2   1 
ATOM   407 O "O5'" . DT  B 1 9  ? -4.330  0.803   -9.467  1.00 29.41 ? 21 DT  B "O5'" 1 
ATOM   408 C "C5'" . DT  B 1 9  ? -3.235  0.053   -9.923  1.00 27.17 ? 21 DT  B "C5'" 1 
ATOM   409 C "C4'" . DT  B 1 9  ? -3.561  -1.271  -10.535 1.00 26.06 ? 21 DT  B "C4'" 1 
ATOM   410 O "O4'" . DT  B 1 9  ? -4.318  -2.126  -9.608  1.00 25.37 ? 21 DT  B "O4'" 1 
ATOM   411 C "C3'" . DT  B 1 9  ? -4.559  -1.003  -11.660 1.00 26.09 ? 21 DT  B "C3'" 1 
ATOM   412 O "O3'" . DT  B 1 9  ? -4.213  -1.832  -12.780 1.00 27.49 ? 21 DT  B "O3'" 1 
ATOM   413 C "C2'" . DT  B 1 9  ? -5.909  -1.333  -11.039 1.00 24.58 ? 21 DT  B "C2'" 1 
ATOM   414 C "C1'" . DT  B 1 9  ? -5.591  -2.497  -10.136 1.00 22.43 ? 21 DT  B "C1'" 1 
ATOM   415 N N1    . DT  B 1 9  ? -6.554  -2.712  -9.032  1.00 19.48 ? 21 DT  B N1    1 
ATOM   416 C C2    . DT  B 1 9  ? -6.956  -3.994  -8.690  1.00 18.91 ? 21 DT  B C2    1 
ATOM   417 O O2    . DT  B 1 9  ? -6.546  -5.014  -9.217  1.00 19.90 ? 21 DT  B O2    1 
ATOM   418 N N3    . DT  B 1 9  ? -7.865  -4.159  -7.669  1.00 18.30 ? 21 DT  B N3    1 
ATOM   419 C C4    . DT  B 1 9  ? -8.419  -3.159  -6.953  1.00 18.26 ? 21 DT  B C4    1 
ATOM   420 O O4    . DT  B 1 9  ? -9.207  -3.421  -6.058  1.00 19.26 ? 21 DT  B O4    1 
ATOM   421 C C5    . DT  B 1 9  ? -7.973  -1.856  -7.348  1.00 19.14 ? 21 DT  B C5    1 
ATOM   422 C C7    . DT  B 1 9  ? -8.552  -0.639  -6.621  1.00 18.19 ? 21 DT  B C7    1 
ATOM   423 C C6    . DT  B 1 9  ? -7.068  -1.675  -8.360  1.00 19.70 ? 21 DT  B C6    1 
ATOM   424 P P     . DG  B 1 10 ? -4.693  -1.324  -14.215 1.00 28.12 ? 22 DG  B P     1 
ATOM   425 O OP1   . DG  B 1 10 ? -3.529  -1.298  -15.119 1.00 28.97 ? 22 DG  B OP1   1 
ATOM   426 O OP2   . DG  B 1 10 ? -5.541  -0.114  -14.024 1.00 27.93 ? 22 DG  B OP2   1 
ATOM   427 O "O5'" . DG  B 1 10 ? -5.675  -2.424  -14.780 1.00 27.10 ? 22 DG  B "O5'" 1 
ATOM   428 C "C5'" . DG  B 1 10 ? -5.415  -3.816  -14.630 1.00 25.18 ? 22 DG  B "C5'" 1 
ATOM   429 C "C4'" . DG  B 1 10 ? -6.667  -4.763  -14.668 1.00 23.63 ? 22 DG  B "C4'" 1 
ATOM   430 O "O4'" . DG  B 1 10 ? -7.419  -4.807  -13.423 1.00 21.72 ? 22 DG  B "O4'" 1 
ATOM   431 C "C3'" . DG  B 1 10 ? -7.724  -4.179  -15.647 1.00 22.74 ? 22 DG  B "C3'" 1 
ATOM   432 O "O3'" . DG  B 1 10 ? -8.316  -5.347  -16.118 1.00 25.35 ? 22 DG  B "O3'" 1 
ATOM   433 C "C2'" . DG  B 1 10 ? -8.665  -3.366  -14.750 1.00 20.23 ? 22 DG  B "C2'" 1 
ATOM   434 C "C1'" . DG  B 1 10 ? -8.734  -4.365  -13.611 1.00 19.04 ? 22 DG  B "C1'" 1 
ATOM   435 N N9    . DG  B 1 10 ? -9.364  -3.852  -12.358 1.00 16.80 ? 22 DG  B N9    1 
ATOM   436 C C8    . DG  B 1 10 ? -9.558  -2.539  -12.019 1.00 16.60 ? 22 DG  B C8    1 
ATOM   437 N N7    . DG  B 1 10 ? -10.193 -2.365  -10.881 1.00 16.79 ? 22 DG  B N7    1 
ATOM   438 C C5    . DG  B 1 10 ? -10.447 -3.654  -10.414 1.00 14.47 ? 22 DG  B C5    1 
ATOM   439 C C6    . DG  B 1 10 ? -11.117 -4.066  -9.226  1.00 14.49 ? 22 DG  B C6    1 
ATOM   440 O O6    . DG  B 1 10 ? -11.609 -3.374  -8.320  1.00 15.42 ? 22 DG  B O6    1 
ATOM   441 N N1    . DG  B 1 10 ? -11.182 -5.450  -9.117  1.00 13.33 ? 22 DG  B N1    1 
ATOM   442 C C2    . DG  B 1 10 ? -10.674 -6.298  -10.025 1.00 13.03 ? 22 DG  B C2    1 
ATOM   443 N N2    . DG  B 1 10 ? -10.824 -7.560  -9.754  1.00 12.61 ? 22 DG  B N2    1 
ATOM   444 N N3    . DG  B 1 10 ? -10.044 -5.919  -11.142 1.00 14.80 ? 22 DG  B N3    1 
ATOM   445 C C4    . DG  B 1 10 ? -9.953  -4.577  -11.295 1.00 14.73 ? 22 DG  B C4    1 
ATOM   446 P P     . DC  B 1 11 ? -8.069  -6.003  -17.535 1.00 28.00 ? 23 DC  B P     1 
ATOM   447 O OP1   . DC  B 1 11 ? -6.626  -6.378  -17.710 1.00 27.77 ? 23 DC  B OP1   1 
ATOM   448 O OP2   . DC  B 1 11 ? -8.809  -5.159  -18.483 1.00 26.77 ? 23 DC  B OP2   1 
ATOM   449 O "O5'" . DC  B 1 11 ? -8.887  -7.337  -17.422 1.00 28.05 ? 23 DC  B "O5'" 1 
ATOM   450 C "C5'" . DC  B 1 11 ? -8.428  -8.249  -16.401 1.00 27.96 ? 23 DC  B "C5'" 1 
ATOM   451 C "C4'" . DC  B 1 11 ? -9.492  -9.234  -15.915 1.00 27.60 ? 23 DC  B "C4'" 1 
ATOM   452 O "O4'" . DC  B 1 11 ? -10.057 -8.786  -14.655 1.00 25.62 ? 23 DC  B "O4'" 1 
ATOM   453 C "C3'" . DC  B 1 11 ? -10.652 -9.227  -16.939 1.00 28.20 ? 23 DC  B "C3'" 1 
ATOM   454 O "O3'" . DC  B 1 11 ? -11.353 -10.472 -17.039 1.00 31.44 ? 23 DC  B "O3'" 1 
ATOM   455 C "C2'" . DC  B 1 11 ? -11.543 -8.230  -16.322 1.00 25.85 ? 23 DC  B "C2'" 1 
ATOM   456 C "C1'" . DC  B 1 11 ? -11.414 -8.484  -14.802 1.00 23.89 ? 23 DC  B "C1'" 1 
ATOM   457 N N1    . DC  B 1 11 ? -11.924 -7.264  -14.123 1.00 21.53 ? 23 DC  B N1    1 
ATOM   458 C C2    . DC  B 1 11 ? -12.767 -7.339  -13.036 1.00 19.79 ? 23 DC  B C2    1 
ATOM   459 O O2    . DC  B 1 11 ? -13.092 -8.398  -12.515 1.00 17.52 ? 23 DC  B O2    1 
ATOM   460 N N3    . DC  B 1 11 ? -13.234 -6.175  -12.526 1.00 18.31 ? 23 DC  B N3    1 
ATOM   461 C C4    . DC  B 1 11 ? -12.895 -4.985  -13.044 1.00 19.44 ? 23 DC  B C4    1 
ATOM   462 N N4    . DC  B 1 11 ? -13.330 -3.819  -12.574 1.00 20.36 ? 23 DC  B N4    1 
ATOM   463 C C5    . DC  B 1 11 ? -12.042 -4.891  -14.136 1.00 20.27 ? 23 DC  B C5    1 
ATOM   464 C C6    . DC  B 1 11 ? -11.582 -6.052  -14.632 1.00 22.03 ? 23 DC  B C6    1 
ATOM   465 P P     . DG  B 1 12 ? -12.286 -10.846 -18.381 1.00 34.55 ? 24 DG  B P     1 
ATOM   466 O OP1   . DG  B 1 12 ? -11.808 -12.118 -18.992 1.00 34.86 ? 24 DG  B OP1   1 
ATOM   467 O OP2   . DG  B 1 12 ? -12.486 -9.675  -19.298 1.00 33.79 ? 24 DG  B OP2   1 
ATOM   468 O "O5'" . DG  B 1 12 ? -13.703 -11.120 -17.608 1.00 32.66 ? 24 DG  B "O5'" 1 
ATOM   469 C "C5'" . DG  B 1 12 ? -13.602 -12.220 -16.711 1.00 30.27 ? 24 DG  B "C5'" 1 
ATOM   470 C "C4'" . DG  B 1 12 ? -14.633 -12.410 -15.618 1.00 28.89 ? 24 DG  B "C4'" 1 
ATOM   471 O "O4'" . DG  B 1 12 ? -14.796 -11.292 -14.670 1.00 27.26 ? 24 DG  B "O4'" 1 
ATOM   472 C "C3'" . DG  B 1 12 ? -15.904 -12.480 -16.372 1.00 27.87 ? 24 DG  B "C3'" 1 
ATOM   473 O "O3'" . DG  B 1 12 ? -16.838 -13.474 -15.935 1.00 29.27 ? 24 DG  B "O3'" 1 
ATOM   474 C "C2'" . DG  B 1 12 ? -16.519 -11.126 -16.204 1.00 27.00 ? 24 DG  B "C2'" 1 
ATOM   475 C "C1'" . DG  B 1 12 ? -16.096 -10.636 -14.846 1.00 25.73 ? 24 DG  B "C1'" 1 
ATOM   476 N N9    . DG  B 1 12 ? -16.006 -9.154  -14.926 1.00 23.40 ? 24 DG  B N9    1 
ATOM   477 C C8    . DG  B 1 12 ? -15.374 -8.426  -15.882 1.00 21.98 ? 24 DG  B C8    1 
ATOM   478 N N7    . DG  B 1 12 ? -15.453 -7.148  -15.696 1.00 22.07 ? 24 DG  B N7    1 
ATOM   479 C C5    . DG  B 1 12 ? -16.190 -7.008  -14.532 1.00 21.10 ? 24 DG  B C5    1 
ATOM   480 C C6    . DG  B 1 12 ? -16.571 -5.843  -13.852 1.00 21.66 ? 24 DG  B C6    1 
ATOM   481 O O6    . DG  B 1 12 ? -16.322 -4.688  -14.197 1.00 24.00 ? 24 DG  B O6    1 
ATOM   482 N N1    . DG  B 1 12 ? -17.307 -6.088  -12.691 1.00 20.62 ? 24 DG  B N1    1 
ATOM   483 C C2    . DG  B 1 12 ? -17.630 -7.343  -12.244 1.00 21.08 ? 24 DG  B C2    1 
ATOM   484 N N2    . DG  B 1 12 ? -18.372 -7.452  -11.112 1.00 21.21 ? 24 DG  B N2    1 
ATOM   485 N N3    . DG  B 1 12 ? -17.248 -8.451  -12.911 1.00 21.21 ? 24 DG  B N3    1 
ATOM   486 C C4    . DG  B 1 12 ? -16.538 -8.218  -14.042 1.00 21.75 ? 24 DG  B C4    1 
HETATM 487 C C1    . TNT C 2 .  ? -0.204  0.578   2.282   1.00 34.53 ? 25 TNT B C1    1 
HETATM 488 C C2    . TNT C 2 .  ? -0.128  -0.779  2.669   1.00 34.77 ? 25 TNT B C2    1 
HETATM 489 C C3    . TNT C 2 .  ? 0.068   -1.091  4.012   1.00 35.10 ? 25 TNT B C3    1 
HETATM 490 C C4    . TNT C 2 .  ? 0.217   -0.097  4.991   1.00 35.63 ? 25 TNT B C4    1 
HETATM 491 C C5    . TNT C 2 .  ? 0.129   1.253   4.597   1.00 34.92 ? 25 TNT B C5    1 
HETATM 492 C C6    . TNT C 2 .  ? -0.083  1.572   3.257   1.00 35.01 ? 25 TNT B C6    1 
HETATM 493 C C7    . TNT C 2 .  ? 0.561   -0.439  6.328   1.00 37.48 ? 25 TNT B C7    1 
HETATM 494 N N1    . TNT C 2 .  ? 0.986   -1.685  6.657   1.00 37.59 ? 25 TNT B N1    1 
HETATM 495 N N2    . TNT C 2 .  ? 0.519   0.530   7.276   1.00 38.74 ? 25 TNT B N2    1 
HETATM 496 C "C1'" . TNT C 2 .  ? -0.040  -0.454  -4.860  1.00 31.77 ? 25 TNT B "C1'" 1 
HETATM 497 C "C2'" . TNT C 2 .  ? 0.391   -0.020  -6.144  1.00 31.94 ? 25 TNT B "C2'" 1 
HETATM 498 C "C3'" . TNT C 2 .  ? 0.105   -0.755  -7.314  1.00 32.80 ? 25 TNT B "C3'" 1 
HETATM 499 C "C4'" . TNT C 2 .  ? -0.640  -1.990  -7.148  1.00 33.51 ? 25 TNT B "C4'" 1 
HETATM 500 C "C5'" . TNT C 2 .  ? -1.026  -2.396  -5.883  1.00 33.37 ? 25 TNT B "C5'" 1 
HETATM 501 C "C6'" . TNT C 2 .  ? -0.751  -1.664  -4.762  1.00 32.52 ? 25 TNT B "C6'" 1 
HETATM 502 C "C7'" . TNT C 2 .  ? -1.021  -2.846  -8.204  1.00 34.35 ? 25 TNT B "C7'" 1 
HETATM 503 N "N1'" . TNT C 2 .  ? -2.134  -3.602  -8.099  1.00 33.97 ? 25 TNT B "N1'" 1 
HETATM 504 N "N2'" . TNT C 2 .  ? -0.297  -2.782  -9.365  1.00 33.75 ? 25 TNT B "N2'" 1 
HETATM 505 C CA    . TNT C 2 .  ? 0.000   0.000   0.000   1.00 33.59 ? 25 TNT B CA    1 
HETATM 506 O O1    . TNT C 2 .  ? -0.306  0.989   0.995   1.00 34.36 ? 25 TNT B O1    1 
HETATM 507 C CB    . TNT C 2 .  ? 0.067   0.697   -1.356  1.00 33.52 ? 25 TNT B CB    1 
HETATM 508 C "CA'" . TNT C 2 .  ? -0.219  -0.292  -2.475  1.00 32.74 ? 25 TNT B "CA'" 1 
HETATM 509 O "O1'" . TNT C 2 .  ? 0.232   0.293   -3.731  1.00 32.48 ? 25 TNT B "O1'" 1 
HETATM 510 O O     . HOH D 3 .  ? 6.170   -6.851  20.155  1.00 24.72 ? 26 HOH A O     1 
HETATM 511 O O     . HOH D 3 .  ? -12.098 -9.048  -1.398  1.00 48.42 ? 27 HOH A O     1 
HETATM 512 O O     . HOH D 3 .  ? -0.343  -5.811  15.686  1.00 24.50 ? 29 HOH A O     1 
HETATM 513 O O     . HOH D 3 .  ? 7.210   -6.953  0.541   1.00 33.08 ? 31 HOH A O     1 
HETATM 514 O O     . HOH D 3 .  ? -21.708 -6.341  -0.890  1.00 33.93 ? 34 HOH A O     1 
HETATM 515 O O     . HOH D 3 .  ? 8.657   3.013   6.739   1.00 31.09 ? 35 HOH A O     1 
HETATM 516 O O     . HOH D 3 .  ? 5.241   -10.075 -2.411  1.00 32.33 ? 37 HOH A O     1 
HETATM 517 O O     . HOH D 3 .  ? 3.997   -9.536  -0.097  1.00 44.56 ? 38 HOH A O     1 
HETATM 518 O O     . HOH D 3 .  ? 11.581  -3.290  3.552   1.00 52.29 ? 40 HOH A O     1 
HETATM 519 O O     . HOH D 3 .  ? -17.956 -14.066 -1.827  1.00 57.56 ? 41 HOH A O     1 
HETATM 520 O O     . HOH D 3 .  ? -2.258  -11.122 -2.038  1.00 67.70 ? 42 HOH A O     1 
HETATM 521 O O     . HOH D 3 .  ? -4.332  -7.462  -9.715  1.00 42.35 ? 44 HOH A O     1 
HETATM 522 O O     . HOH D 3 .  ? -1.607  -3.401  15.945  1.00 55.09 ? 45 HOH A O     1 
HETATM 523 O O     . HOH D 3 .  ? 10.067  6.218   6.035   1.00 54.41 ? 47 HOH A O     1 
HETATM 524 O O     . HOH D 3 .  ? -9.084  -11.288 -0.319  1.00 46.51 ? 50 HOH A O     1 
HETATM 525 O O     . HOH D 3 .  ? 3.096   -14.721 -13.370 1.00 36.28 ? 52 HOH A O     1 
HETATM 526 O O     . HOH D 3 .  ? 2.806   -11.155 -9.279  1.00 20.63 ? 53 HOH A O     1 
HETATM 527 O O     . HOH D 3 .  ? 8.413   2.850   3.399   1.00 51.71 ? 54 HOH A O     1 
HETATM 528 O O     . HOH D 3 .  ? -0.294  4.595   6.883   1.00 67.94 ? 59 HOH A O     1 
HETATM 529 O O     . HOH D 3 .  ? -15.020 -1.317  -9.958  1.00 46.03 ? 63 HOH A O     1 
HETATM 530 O O     . HOH D 3 .  ? 2.099   -14.072 -10.209 1.00 29.33 ? 64 HOH A O     1 
HETATM 531 O O     . HOH D 3 .  ? 2.313   6.304   7.518   1.00 56.01 ? 65 HOH A O     1 
HETATM 532 O O     . HOH D 3 .  ? -11.306 -10.725 -7.912  1.00 62.59 ? 67 HOH A O     1 
HETATM 533 O O     . HOH D 3 .  ? 6.340   5.111   11.756  1.00 57.71 ? 69 HOH A O     1 
HETATM 534 O O     . HOH D 3 .  ? 2.945   0.350   -8.821  1.00 67.49 ? 71 HOH A O     1 
HETATM 535 O O     . HOH D 3 .  ? -4.999  -14.336 -2.532  1.00 56.48 ? 74 HOH A O     1 
HETATM 536 O O     . HOH D 3 .  ? -6.612  -11.251 -1.780  1.00 63.24 ? 75 HOH A O     1 
HETATM 537 O O     . HOH D 3 .  ? -0.138  -10.881 0.423   1.00 72.89 ? 80 HOH A O     1 
HETATM 538 O O     . HOH D 3 .  ? -8.276  -16.594 -2.561  1.00 55.24 ? 81 HOH A O     1 
HETATM 539 O O     . HOH D 3 .  ? -0.222  -12.692 -5.713  1.00 54.30 ? 82 HOH A O     1 
HETATM 540 O O     . HOH D 3 .  ? 3.674   -12.720 -7.264  1.00 48.63 ? 83 HOH A O     1 
HETATM 541 O O     . HOH D 3 .  ? 1.222   4.223   9.105   1.00 66.19 ? 86 HOH A O     1 
HETATM 542 O O     . HOH D 3 .  ? 14.985  -1.015  -1.871  1.00 56.41 ? 87 HOH A O     1 
HETATM 543 O O     . HOH D 3 .  ? -15.041 -0.542  -13.043 1.00 48.74 ? 90 HOH A O     1 
HETATM 544 O O     . HOH D 3 .  ? 4.181   5.081   15.053  1.00 65.90 ? 91 HOH A O     1 
HETATM 545 O O     . HOH D 3 .  ? 3.570   -12.325 -11.379 1.00 16.45 ? 92 HOH A O     1 
HETATM 546 O O     . HOH D 3 .  ? -4.959  -8.348  -12.240 1.00 70.23 ? 94 HOH A O     1 
HETATM 547 O O     . HOH D 3 .  ? 12.814  0.964   18.386  1.00 50.20 ? 97 HOH A O     1 
HETATM 548 O O     . HOH E 3 .  ? -13.127 -7.139  -19.787 1.00 44.01 ? 28 HOH B O     1 
HETATM 549 O O     . HOH E 3 .  ? 0.333   -3.810  9.548   1.00 29.83 ? 30 HOH B O     1 
HETATM 550 O O     . HOH E 3 .  ? 2.646   -2.408  8.821   1.00 41.80 ? 32 HOH B O     1 
HETATM 551 O O     . HOH E 3 .  ? 9.664   -17.170 8.772   1.00 33.30 ? 33 HOH B O     1 
HETATM 552 O O     . HOH E 3 .  ? -3.021  -5.168  -10.150 1.00 38.89 ? 36 HOH B O     1 
HETATM 553 O O     . HOH E 3 .  ? -17.635 -12.611 -18.399 1.00 41.42 ? 39 HOH B O     1 
HETATM 554 O O     . HOH E 3 .  ? 17.806  -12.053 7.131   1.00 38.65 ? 43 HOH B O     1 
HETATM 555 O O     . HOH E 3 .  ? 9.321   -9.010  1.722   1.00 51.32 ? 46 HOH B O     1 
HETATM 556 O O     . HOH E 3 .  ? -6.300  -3.750  -18.539 1.00 33.13 ? 48 HOH B O     1 
HETATM 557 O O     . HOH E 3 .  ? 21.234  -9.238  4.504   1.00 43.81 ? 49 HOH B O     1 
HETATM 558 O O     . HOH E 3 .  ? -8.467  -0.885  2.838   1.00 47.03 ? 51 HOH B O     1 
HETATM 559 O O     . HOH E 3 .  ? -8.274  -3.095  -20.565 1.00 62.76 ? 55 HOH B O     1 
HETATM 560 O O     . HOH E 3 .  ? 12.043  -8.674  2.656   1.00 65.46 ? 56 HOH B O     1 
HETATM 561 O O     . HOH E 3 .  ? 4.754   -11.112 2.462   1.00 60.69 ? 57 HOH B O     1 
HETATM 562 O O     . HOH E 3 .  ? -11.148 -3.692  -17.279 1.00 48.35 ? 58 HOH B O     1 
HETATM 563 O O     . HOH E 3 .  ? -9.946  -5.466  -1.875  1.00 61.75 ? 60 HOH B O     1 
HETATM 564 O O     . HOH E 3 .  ? -9.210  -0.159  -15.379 1.00 51.74 ? 61 HOH B O     1 
HETATM 565 O O     . HOH E 3 .  ? -1.269  -3.803  11.855  1.00 50.75 ? 62 HOH B O     1 
HETATM 566 O O     . HOH E 3 .  ? -0.863  2.955   -12.313 1.00 38.23 ? 66 HOH B O     1 
HETATM 567 O O     . HOH E 3 .  ? -1.970  -3.508  -15.416 1.00 50.67 ? 68 HOH B O     1 
HETATM 568 O O     . HOH E 3 .  ? -6.357  -8.716  1.139   1.00 79.32 ? 70 HOH B O     1 
HETATM 569 O O     . HOH E 3 .  ? -1.521  -5.593  -12.236 1.00 47.53 ? 72 HOH B O     1 
HETATM 570 O O     . HOH E 3 .  ? -0.384  -0.971  -15.852 1.00 42.41 ? 73 HOH B O     1 
HETATM 571 O O     . HOH E 3 .  ? -11.100 -2.199  -4.169  1.00 66.51 ? 76 HOH B O     1 
HETATM 572 O O     . HOH E 3 .  ? -1.193  -1.911  -18.952 1.00 37.71 ? 77 HOH B O     1 
HETATM 573 O O     . HOH E 3 .  ? -3.823  -2.706  -17.888 1.00 51.31 ? 78 HOH B O     1 
HETATM 574 O O     . HOH E 3 .  ? -2.302  0.092   -17.283 1.00 51.99 ? 79 HOH B O     1 
HETATM 575 O O     . HOH E 3 .  ? 17.747  -6.992  10.280  1.00 44.16 ? 84 HOH B O     1 
HETATM 576 O O     . HOH E 3 .  ? 4.729   -17.002 9.568   1.00 61.86 ? 85 HOH B O     1 
HETATM 577 O O     . HOH E 3 .  ? -6.681  -1.058  -18.360 1.00 63.94 ? 88 HOH B O     1 
HETATM 578 O O     . HOH E 3 .  ? 1.626   -2.254  -20.115 1.00 60.87 ? 89 HOH B O     1 
HETATM 579 O O     . HOH E 3 .  ? 21.029  -13.781 13.029  1.00 65.17 ? 93 HOH B O     1 
HETATM 580 O O     . HOH E 3 .  ? -10.613 -2.050  -0.702  1.00 49.95 ? 95 HOH B O     1 
HETATM 581 O O     . HOH E 3 .  ? 18.332  -8.389  3.501   1.00 49.76 ? 96 HOH B O     1 
HETATM 582 O O     . HOH E 3 .  ? 9.547   -12.265 1.734   1.00 53.57 ? 98 HOH B O     1 
# 
